data_6BJB
#
_entry.id   6BJB
#
_cell.length_a   71.888
_cell.length_b   88.621
_cell.length_c   141.51
_cell.angle_alpha   90.0
_cell.angle_beta   90.0
_cell.angle_gamma   90.0
#
_symmetry.space_group_name_H-M   'P 2 21 21'
#
loop_
_entity.id
_entity.type
_entity.pdbx_description
1 polymer 'Acetyl-CoA acetyltransferase A'
2 non-polymer 'propionyl Coenzyme A'
3 non-polymer 'NITRATE ION'
4 water water
#
_entity_poly.entity_id   1
_entity_poly.type   'polypeptide(L)'
_entity_poly.pdbx_seq_one_letter_code
;GTGSRPITDVVFVGAARTPIGSFRSAFNNVPVTVLGREALKGALKNANVKPSLVQEAFIGVVVPSNAGQGPARQVVLGAG
CDVSTVVTAVNKMSASGMKAIACAASILQLDLQEMVVAGGMESMSCVPFYLPRGEIPFGGTKLIDGIPRDGLNDVYNDIL
MGACADKVAKQFAITREEQDKYAILSYKRSAAAWKEGIFAKEIIPLEVTQGKKTITVEEDEEYKKVNFEKIPKLKPAFTS
EGSVTAANASTLNDGAAMVVMTTVDGAKKHGLKPLARMLAYGDAATHPIDFGIAPASVIPKVLKLAGLQIKDIDLWEINE
AFAVVPLYTMKTLGLDESKVNIHGGAVSLGHPIGMSGARIVGHLVHTLKPGQKGCAAICNGGGGAGGMIIEKL
;
_entity_poly.pdbx_strand_id   A,B
#
# COMPACT_ATOMS: atom_id res chain seq x y z
N ARG A 5 12.25 -15.02 15.51
CA ARG A 5 11.19 -15.53 16.37
C ARG A 5 10.30 -16.53 15.68
N PRO A 6 9.62 -17.39 16.46
CA PRO A 6 8.50 -18.13 15.85
C PRO A 6 7.30 -17.23 15.66
N ILE A 7 6.44 -17.60 14.71
CA ILE A 7 5.25 -16.83 14.41
C ILE A 7 4.33 -16.71 15.62
N THR A 8 4.35 -17.73 16.48
CA THR A 8 3.49 -17.77 17.66
C THR A 8 3.88 -16.74 18.74
N ASP A 9 5.04 -16.10 18.56
CA ASP A 9 5.43 -14.99 19.43
C ASP A 9 4.64 -13.72 19.12
N VAL A 10 3.99 -13.68 17.95
CA VAL A 10 3.20 -12.52 17.57
C VAL A 10 1.84 -12.61 18.20
N VAL A 11 1.48 -11.60 18.98
CA VAL A 11 0.23 -11.62 19.71
C VAL A 11 -0.60 -10.36 19.44
N PHE A 12 -1.92 -10.53 19.40
CA PHE A 12 -2.86 -9.43 19.36
C PHE A 12 -3.21 -9.01 20.78
N VAL A 13 -3.09 -7.73 21.10
CA VAL A 13 -3.46 -7.24 22.44
C VAL A 13 -4.70 -6.34 22.44
N GLY A 14 -5.18 -5.96 21.25
CA GLY A 14 -6.42 -5.21 21.17
C GLY A 14 -6.99 -5.19 19.77
N ALA A 15 -8.30 -4.97 19.68
CA ALA A 15 -8.99 -4.87 18.38
C ALA A 15 -10.23 -4.04 18.54
N ALA A 16 -10.53 -3.16 17.60
CA ALA A 16 -11.77 -2.40 17.62
C ALA A 16 -12.15 -1.97 16.22
N ARG A 17 -13.41 -1.59 16.04
CA ARG A 17 -13.91 -1.12 14.75
C ARG A 17 -15.02 -0.12 14.92
N THR A 18 -15.22 0.73 13.93
CA THR A 18 -16.42 1.53 13.84
C THR A 18 -17.60 0.62 13.49
N PRO A 19 -18.82 1.09 13.76
CA PRO A 19 -19.93 0.47 13.04
C PRO A 19 -19.71 0.61 11.54
N ILE A 20 -20.36 -0.24 10.75
CA ILE A 20 -20.34 -0.08 9.31
C ILE A 20 -21.56 0.74 8.89
N GLY A 21 -21.34 1.86 8.22
CA GLY A 21 -22.43 2.69 7.72
C GLY A 21 -22.86 2.27 6.31
N SER A 22 -24.13 2.50 5.99
CA SER A 22 -24.63 2.23 4.64
C SER A 22 -24.28 3.36 3.69
N PHE A 23 -24.26 3.06 2.40
CA PHE A 23 -23.80 4.00 1.38
C PHE A 23 -24.57 5.33 1.46
N ARG A 24 -23.81 6.43 1.59
CA ARG A 24 -24.35 7.78 1.61
C ARG A 24 -25.35 7.99 2.75
N SER A 25 -25.17 7.25 3.84
CA SER A 25 -26.09 7.32 4.97
C SER A 25 -25.37 7.76 6.24
N ALA A 26 -25.16 6.87 7.22
CA ALA A 26 -24.68 7.29 8.55
C ALA A 26 -23.38 8.10 8.49
N PHE A 27 -22.44 7.67 7.65
CA PHE A 27 -21.15 8.34 7.52
C PHE A 27 -21.01 9.05 6.17
N ASN A 28 -22.13 9.44 5.57
CA ASN A 28 -22.07 10.32 4.42
C ASN A 28 -21.22 11.54 4.72
N ASN A 29 -20.37 11.91 3.79
CA ASN A 29 -19.46 13.06 3.94
C ASN A 29 -18.47 12.97 5.11
N VAL A 30 -18.33 11.79 5.74
CA VAL A 30 -17.32 11.61 6.79
C VAL A 30 -16.05 10.98 6.19
N PRO A 31 -14.94 11.74 6.14
CA PRO A 31 -13.74 11.17 5.52
C PRO A 31 -13.27 9.87 6.12
N VAL A 32 -12.63 9.05 5.29
CA VAL A 32 -12.14 7.76 5.73
C VAL A 32 -11.17 7.90 6.90
N THR A 33 -10.44 9.02 6.92
CA THR A 33 -9.45 9.27 7.94
C THR A 33 -10.08 9.45 9.33
N VAL A 34 -11.30 10.00 9.38
CA VAL A 34 -12.02 10.09 10.66
C VAL A 34 -12.38 8.69 11.16
N LEU A 35 -12.90 7.87 10.26
CA LEU A 35 -13.27 6.51 10.62
C LEU A 35 -12.06 5.73 11.11
N GLY A 36 -10.95 5.82 10.40
CA GLY A 36 -9.77 5.11 10.82
C GLY A 36 -9.22 5.61 12.15
N ARG A 37 -9.22 6.92 12.33
CA ARG A 37 -8.78 7.52 13.60
C ARG A 37 -9.55 6.94 14.78
N GLU A 38 -10.87 6.93 14.67
CA GLU A 38 -11.67 6.46 15.81
C GLU A 38 -11.49 4.96 16.04
N ALA A 39 -11.43 4.17 14.97
CA ALA A 39 -11.12 2.75 15.15
C ALA A 39 -9.75 2.52 15.83
N LEU A 40 -8.74 3.30 15.45
CA LEU A 40 -7.42 3.13 16.02
C LEU A 40 -7.39 3.54 17.50
N LYS A 41 -7.98 4.67 17.84
CA LYS A 41 -8.11 5.07 19.25
C LYS A 41 -8.79 3.96 20.02
N GLY A 42 -9.85 3.41 19.44
CA GLY A 42 -10.59 2.35 20.11
C GLY A 42 -9.78 1.09 20.33
N ALA A 43 -8.98 0.72 19.35
CA ALA A 43 -8.18 -0.49 19.48
C ALA A 43 -7.10 -0.30 20.54
N LEU A 44 -6.52 0.89 20.57
CA LEU A 44 -5.47 1.16 21.54
C LEU A 44 -6.06 1.14 22.95
N LYS A 45 -7.25 1.72 23.10
CA LYS A 45 -7.95 1.68 24.41
C LYS A 45 -8.27 0.24 24.82
N ASN A 46 -8.74 -0.55 23.87
CA ASN A 46 -9.02 -1.97 24.10
C ASN A 46 -7.78 -2.73 24.57
N ALA A 47 -6.61 -2.37 24.03
CA ALA A 47 -5.35 -2.99 24.39
C ALA A 47 -4.72 -2.46 25.69
N ASN A 48 -5.25 -1.36 26.20
CA ASN A 48 -4.63 -0.59 27.28
C ASN A 48 -3.20 -0.21 26.92
N VAL A 49 -3.03 0.25 25.68
CA VAL A 49 -1.73 0.70 25.16
C VAL A 49 -1.80 2.19 24.92
N LYS A 50 -0.93 2.96 25.57
CA LYS A 50 -0.91 4.39 25.31
C LYS A 50 -0.38 4.62 23.89
N PRO A 51 -0.98 5.59 23.19
CA PRO A 51 -0.62 5.77 21.78
C PRO A 51 0.88 6.01 21.57
N SER A 52 1.57 6.59 22.55
CA SER A 52 3.00 6.90 22.43
C SER A 52 3.90 5.68 22.33
N LEU A 53 3.37 4.50 22.63
CA LEU A 53 4.12 3.26 22.52
C LEU A 53 4.15 2.67 21.10
N VAL A 54 3.25 3.14 20.24
CA VAL A 54 3.15 2.63 18.88
C VAL A 54 4.37 3.08 18.04
N GLN A 55 5.07 2.11 17.47
CA GLN A 55 6.28 2.37 16.68
C GLN A 55 6.04 2.35 15.19
N GLU A 56 5.03 1.60 14.73
CA GLU A 56 4.82 1.45 13.27
C GLU A 56 3.37 1.04 13.03
N ALA A 57 2.85 1.42 11.86
CA ALA A 57 1.45 1.17 11.46
C ALA A 57 1.41 0.75 9.99
N PHE A 58 0.57 -0.23 9.67
CA PHE A 58 0.19 -0.56 8.28
C PHE A 58 -1.31 -0.44 8.19
N ILE A 59 -1.85 0.35 7.26
CA ILE A 59 -3.30 0.50 7.13
C ILE A 59 -3.73 0.28 5.69
N GLY A 60 -4.69 -0.60 5.52
CA GLY A 60 -5.25 -0.86 4.20
C GLY A 60 -6.31 0.13 3.82
N VAL A 61 -6.28 0.55 2.56
CA VAL A 61 -7.33 1.41 2.01
C VAL A 61 -7.21 1.33 0.49
N VAL A 62 -8.33 1.06 -0.18
CA VAL A 62 -8.31 0.77 -1.61
C VAL A 62 -8.45 2.01 -2.51
N VAL A 63 -9.44 2.87 -2.23
CA VAL A 63 -9.68 4.05 -3.06
C VAL A 63 -9.71 5.32 -2.19
N PRO A 64 -8.53 5.79 -1.79
CA PRO A 64 -8.40 6.98 -0.94
C PRO A 64 -8.38 8.30 -1.72
N SER A 65 -8.76 8.29 -2.99
CA SER A 65 -8.67 9.50 -3.79
C SER A 65 -9.43 10.66 -3.12
N ASN A 66 -8.79 11.82 -3.11
CA ASN A 66 -9.26 13.08 -2.50
C ASN A 66 -9.35 13.07 -0.97
N ALA A 67 -8.76 12.06 -0.32
CA ALA A 67 -8.67 12.07 1.14
C ALA A 67 -7.44 12.81 1.67
N GLY A 68 -6.62 13.35 0.76
CA GLY A 68 -5.48 14.15 1.16
C GLY A 68 -4.21 13.31 1.21
N GLN A 69 -3.08 13.97 1.44
CA GLN A 69 -1.80 13.30 1.51
C GLN A 69 -1.71 12.29 2.65
N GLY A 70 -1.31 11.07 2.35
CA GLY A 70 -1.02 10.11 3.40
C GLY A 70 -2.16 9.88 4.38
N PRO A 71 -3.30 9.42 3.90
CA PRO A 71 -4.41 9.18 4.84
C PRO A 71 -4.06 8.22 5.99
N ALA A 72 -3.22 7.21 5.77
CA ALA A 72 -2.82 6.35 6.89
C ALA A 72 -2.07 7.15 7.97
N ARG A 73 -1.23 8.09 7.55
CA ARG A 73 -0.49 8.95 8.48
C ARG A 73 -1.48 9.83 9.25
N GLN A 74 -2.48 10.36 8.56
CA GLN A 74 -3.51 11.19 9.16
C GLN A 74 -4.23 10.45 10.28
N VAL A 75 -4.53 9.18 10.03
CA VAL A 75 -5.17 8.33 11.04
C VAL A 75 -4.29 8.15 12.26
N VAL A 76 -3.00 7.87 12.03
CA VAL A 76 -2.09 7.53 13.12
C VAL A 76 -1.82 8.78 13.97
N LEU A 77 -1.59 9.91 13.34
CA LEU A 77 -1.38 11.14 14.11
C LEU A 77 -2.69 11.60 14.76
N GLY A 78 -3.80 11.47 14.05
CA GLY A 78 -5.11 11.80 14.61
C GLY A 78 -5.44 11.01 15.87
N ALA A 79 -4.97 9.77 15.94
CA ALA A 79 -5.23 8.89 17.07
C ALA A 79 -4.35 9.21 18.28
N GLY A 80 -3.45 10.19 18.13
CA GLY A 80 -2.54 10.58 19.22
C GLY A 80 -1.18 9.90 19.24
N CYS A 81 -0.84 9.13 18.21
CA CYS A 81 0.47 8.50 18.17
C CYS A 81 1.54 9.58 17.92
N ASP A 82 2.76 9.28 18.33
CA ASP A 82 3.87 10.21 18.24
C ASP A 82 4.28 10.38 16.78
N VAL A 83 4.77 11.56 16.42
CA VAL A 83 5.27 11.76 15.06
C VAL A 83 6.42 10.81 14.70
N SER A 84 7.09 10.19 15.69
CA SER A 84 8.11 9.18 15.43
C SER A 84 7.57 7.89 14.82
N THR A 85 6.25 7.73 14.81
CA THR A 85 5.63 6.49 14.37
C THR A 85 5.83 6.34 12.84
N VAL A 86 6.22 5.15 12.41
CA VAL A 86 6.42 4.84 10.99
C VAL A 86 5.08 4.38 10.42
N VAL A 87 4.67 4.91 9.26
CA VAL A 87 3.35 4.57 8.70
C VAL A 87 3.38 4.27 7.18
N THR A 88 2.65 3.23 6.80
CA THR A 88 2.51 2.80 5.40
C THR A 88 1.05 2.40 5.14
N ALA A 89 0.54 2.78 3.96
CA ALA A 89 -0.73 2.28 3.47
C ALA A 89 -0.53 1.09 2.51
N VAL A 90 -1.47 0.16 2.53
CA VAL A 90 -1.41 -0.95 1.60
C VAL A 90 -2.73 -1.10 0.87
N ASN A 91 -2.62 -1.51 -0.38
CA ASN A 91 -3.79 -1.83 -1.20
C ASN A 91 -3.64 -3.20 -1.84
N LYS A 92 -4.41 -4.14 -1.30
CA LYS A 92 -4.62 -5.44 -1.93
C LYS A 92 -6.14 -5.63 -2.13
N MET A 93 -6.79 -4.57 -2.60
CA MET A 93 -8.26 -4.59 -2.81
C MET A 93 -8.93 -5.06 -1.53
N SER A 94 -9.91 -5.96 -1.61
CA SER A 94 -10.62 -6.35 -0.38
C SER A 94 -9.76 -7.15 0.60
N ALA A 95 -8.56 -7.58 0.24
CA ALA A 95 -7.67 -8.21 1.21
C ALA A 95 -6.83 -7.18 1.95
N SER A 96 -6.96 -5.88 1.62
CA SER A 96 -6.05 -4.87 2.19
C SER A 96 -5.94 -4.88 3.71
N GLY A 97 -7.06 -4.96 4.40
CA GLY A 97 -7.07 -4.92 5.87
C GLY A 97 -6.38 -6.12 6.49
N MET A 98 -6.42 -7.25 5.80
CA MET A 98 -5.72 -8.45 6.26
C MET A 98 -4.24 -8.38 5.93
N LYS A 99 -3.91 -7.99 4.71
CA LYS A 99 -2.51 -7.96 4.32
C LYS A 99 -1.74 -6.97 5.19
N ALA A 100 -2.39 -5.89 5.60
CA ALA A 100 -1.77 -4.93 6.51
C ALA A 100 -1.31 -5.62 7.81
N ILE A 101 -2.21 -6.44 8.37
CA ILE A 101 -1.94 -7.20 9.58
C ILE A 101 -0.78 -8.16 9.34
N ALA A 102 -0.77 -8.83 8.19
CA ALA A 102 0.34 -9.72 7.83
C ALA A 102 1.70 -8.99 7.80
N CYS A 103 1.73 -7.82 7.17
CA CYS A 103 2.96 -7.04 7.07
C CYS A 103 3.47 -6.63 8.45
N ALA A 104 2.55 -6.24 9.33
CA ALA A 104 2.88 -5.91 10.71
C ALA A 104 3.46 -7.13 11.43
N ALA A 105 2.85 -8.29 11.20
CA ALA A 105 3.32 -9.53 11.83
C ALA A 105 4.73 -9.86 11.37
N SER A 106 5.02 -9.66 10.10
CA SER A 106 6.34 -9.97 9.57
C SER A 106 7.44 -9.14 10.26
N ILE A 107 7.22 -7.85 10.45
CA ILE A 107 8.29 -7.03 11.02
C ILE A 107 8.41 -7.35 12.53
N LEU A 108 7.32 -7.75 13.20
CA LEU A 108 7.41 -8.19 14.61
C LEU A 108 8.22 -9.50 14.71
N GLN A 109 8.01 -10.43 13.79
CA GLN A 109 8.71 -11.69 13.85
C GLN A 109 10.21 -11.51 13.60
N LEU A 110 10.55 -10.49 12.82
CA LEU A 110 11.95 -10.20 12.50
C LEU A 110 12.58 -9.26 13.55
N ASP A 111 11.82 -8.93 14.60
CA ASP A 111 12.24 -8.03 15.66
C ASP A 111 12.72 -6.67 15.15
N LEU A 112 12.06 -6.18 14.10
CA LEU A 112 12.35 -4.85 13.58
C LEU A 112 11.54 -3.75 14.28
N GLN A 113 10.42 -4.14 14.89
CA GLN A 113 9.67 -3.31 15.81
C GLN A 113 9.15 -4.20 16.95
N GLU A 114 8.65 -3.58 18.00
CA GLU A 114 8.02 -4.29 19.11
C GLU A 114 6.53 -4.03 19.27
N MET A 115 6.08 -2.81 18.98
CA MET A 115 4.67 -2.44 19.14
C MET A 115 4.13 -1.81 17.84
N VAL A 116 3.16 -2.49 17.23
CA VAL A 116 2.67 -2.13 15.89
C VAL A 116 1.16 -2.16 15.87
N VAL A 117 0.58 -1.31 15.05
CA VAL A 117 -0.86 -1.33 14.80
C VAL A 117 -1.10 -1.62 13.32
N ALA A 118 -2.24 -2.22 13.01
CA ALA A 118 -2.57 -2.54 11.63
C ALA A 118 -4.07 -2.60 11.48
N GLY A 119 -4.56 -2.40 10.27
CA GLY A 119 -5.98 -2.52 10.05
C GLY A 119 -6.35 -2.08 8.66
N GLY A 120 -7.59 -1.66 8.50
CA GLY A 120 -8.10 -1.24 7.21
C GLY A 120 -9.28 -0.32 7.35
N MET A 121 -9.53 0.45 6.31
CA MET A 121 -10.54 1.47 6.31
C MET A 121 -11.02 1.77 4.91
N GLU A 122 -12.26 2.22 4.78
CA GLU A 122 -12.78 2.69 3.51
C GLU A 122 -13.97 3.60 3.75
N SER A 123 -14.00 4.71 3.02
CA SER A 123 -15.24 5.48 2.87
C SER A 123 -15.65 5.44 1.43
N MET A 124 -16.52 4.50 1.09
CA MET A 124 -17.02 4.44 -0.26
C MET A 124 -17.94 5.64 -0.55
N SER A 125 -18.62 6.15 0.49
CA SER A 125 -19.47 7.33 0.31
C SER A 125 -18.70 8.55 -0.15
N CYS A 126 -17.42 8.64 0.24
CA CYS A 126 -16.61 9.81 -0.11
C CYS A 126 -15.70 9.62 -1.32
N VAL A 127 -15.80 8.49 -1.99
CA VAL A 127 -15.02 8.30 -3.21
C VAL A 127 -15.52 9.33 -4.24
N PRO A 128 -14.63 10.07 -4.88
CA PRO A 128 -15.03 11.09 -5.85
C PRO A 128 -15.21 10.58 -7.27
N PHE A 129 -15.60 11.51 -8.14
CA PHE A 129 -15.56 11.32 -9.58
C PHE A 129 -14.27 11.88 -10.16
N TYR A 130 -13.85 11.38 -11.32
CA TYR A 130 -12.60 11.77 -11.97
C TYR A 130 -12.82 12.44 -13.31
N LEU A 131 -12.00 13.44 -13.59
CA LEU A 131 -11.85 14.02 -14.91
C LEU A 131 -10.38 13.97 -15.29
N PRO A 132 -10.03 13.38 -16.44
CA PRO A 132 -8.61 13.31 -16.78
C PRO A 132 -7.94 14.65 -17.02
N ARG A 133 -6.62 14.65 -16.88
CA ARG A 133 -5.81 15.83 -17.14
C ARG A 133 -5.75 16.08 -18.64
N GLY A 134 -5.65 17.35 -19.02
CA GLY A 134 -5.56 17.71 -20.43
C GLY A 134 -6.89 18.03 -21.08
N GLU A 135 -6.81 18.24 -22.38
CA GLU A 135 -7.93 18.64 -23.22
C GLU A 135 -9.17 17.76 -23.04
N ILE A 136 -10.27 18.35 -22.57
CA ILE A 136 -11.58 17.70 -22.72
C ILE A 136 -11.89 17.60 -24.23
N PRO A 137 -12.06 16.37 -24.75
CA PRO A 137 -12.27 16.18 -26.17
C PRO A 137 -13.52 16.84 -26.72
N PHE A 138 -13.42 17.38 -27.94
CA PHE A 138 -14.60 17.85 -28.64
C PHE A 138 -15.66 16.77 -28.59
N GLY A 139 -16.90 17.16 -28.26
CA GLY A 139 -17.97 16.20 -28.17
C GLY A 139 -18.23 15.72 -26.75
N GLY A 140 -17.33 16.07 -25.85
CA GLY A 140 -17.52 15.76 -24.44
C GLY A 140 -16.83 14.49 -23.99
N THR A 141 -16.98 14.16 -22.72
CA THR A 141 -16.29 13.01 -22.19
C THR A 141 -16.98 12.53 -20.91
N LYS A 142 -16.54 11.37 -20.42
CA LYS A 142 -17.19 10.80 -19.25
C LYS A 142 -16.53 11.28 -17.97
N LEU A 143 -17.39 11.74 -17.08
CA LEU A 143 -17.04 11.93 -15.70
C LEU A 143 -17.09 10.55 -15.05
N ILE A 144 -15.93 10.09 -14.62
CA ILE A 144 -15.72 8.70 -14.18
C ILE A 144 -15.98 8.51 -12.68
N ASP A 145 -16.69 7.46 -12.31
CA ASP A 145 -16.97 7.15 -10.91
C ASP A 145 -15.83 6.31 -10.33
N GLY A 146 -15.13 6.85 -9.32
CA GLY A 146 -14.01 6.16 -8.72
C GLY A 146 -14.34 4.79 -8.15
N ILE A 147 -15.59 4.56 -7.78
CA ILE A 147 -15.93 3.26 -7.16
C ILE A 147 -15.78 2.10 -8.18
N PRO A 148 -16.48 2.12 -9.31
CA PRO A 148 -16.18 1.08 -10.30
C PRO A 148 -14.79 1.21 -10.90
N ARG A 149 -14.31 2.43 -11.16
CA ARG A 149 -13.06 2.59 -11.86
C ARG A 149 -11.89 2.01 -11.09
N ASP A 150 -11.70 2.43 -9.85
CA ASP A 150 -10.53 1.95 -9.09
C ASP A 150 -10.87 0.86 -8.07
N GLY A 151 -12.16 0.62 -7.82
CA GLY A 151 -12.62 -0.31 -6.80
C GLY A 151 -13.16 -1.62 -7.32
N LEU A 152 -14.15 -1.57 -8.22
CA LEU A 152 -15.02 -2.73 -8.47
C LEU A 152 -15.09 -3.27 -9.90
N ASN A 153 -14.55 -2.57 -10.91
CA ASN A 153 -14.56 -3.11 -12.27
C ASN A 153 -13.28 -3.88 -12.58
N ASP A 154 -13.42 -5.10 -13.06
CA ASP A 154 -12.25 -5.87 -13.45
C ASP A 154 -11.65 -5.31 -14.72
N VAL A 155 -10.37 -5.03 -14.69
CA VAL A 155 -9.70 -4.40 -15.82
C VAL A 155 -9.64 -5.30 -17.04
N TYR A 156 -9.38 -6.59 -16.81
CA TYR A 156 -9.04 -7.53 -17.88
C TYR A 156 -10.30 -7.96 -18.64
N ASN A 157 -11.40 -8.14 -17.92
CA ASN A 157 -12.66 -8.59 -18.50
C ASN A 157 -13.65 -7.43 -18.71
N ASP A 158 -13.35 -6.27 -18.12
CA ASP A 158 -14.22 -5.10 -18.18
C ASP A 158 -15.65 -5.41 -17.75
N ILE A 159 -15.77 -6.13 -16.63
CA ILE A 159 -17.03 -6.37 -15.96
C ILE A 159 -16.86 -6.22 -14.45
N LEU A 160 -17.96 -5.92 -13.78
CA LEU A 160 -17.91 -5.68 -12.34
C LEU A 160 -17.68 -6.98 -11.57
N MET A 161 -17.20 -6.86 -10.34
CA MET A 161 -16.98 -8.03 -9.49
C MET A 161 -18.24 -8.92 -9.40
N GLY A 162 -19.42 -8.31 -9.32
CA GLY A 162 -20.64 -9.10 -9.25
C GLY A 162 -20.91 -9.92 -10.51
N ALA A 163 -20.54 -9.39 -11.68
CA ALA A 163 -20.64 -10.16 -12.92
C ALA A 163 -19.64 -11.32 -12.95
N CYS A 164 -18.47 -11.13 -12.35
CA CYS A 164 -17.52 -12.22 -12.18
C CYS A 164 -18.11 -13.32 -11.31
N ALA A 165 -18.77 -12.92 -10.23
CA ALA A 165 -19.40 -13.88 -9.33
C ALA A 165 -20.51 -14.66 -10.03
N ASP A 166 -21.26 -14.00 -10.92
CA ASP A 166 -22.28 -14.68 -11.73
C ASP A 166 -21.61 -15.82 -12.52
N LYS A 167 -20.44 -15.52 -13.07
CA LYS A 167 -19.72 -16.51 -13.88
C LYS A 167 -19.32 -17.73 -13.05
N VAL A 168 -18.70 -17.48 -11.90
CA VAL A 168 -18.32 -18.56 -11.02
C VAL A 168 -19.58 -19.37 -10.59
N ALA A 169 -20.65 -18.68 -10.24
CA ALA A 169 -21.85 -19.38 -9.77
C ALA A 169 -22.39 -20.34 -10.84
N LYS A 170 -22.49 -19.89 -12.09
CA LYS A 170 -23.06 -20.72 -13.15
C LYS A 170 -22.11 -21.89 -13.45
N GLN A 171 -20.81 -21.66 -13.44
CA GLN A 171 -19.83 -22.70 -13.72
C GLN A 171 -19.90 -23.85 -12.72
N PHE A 172 -20.19 -23.53 -11.46
CA PHE A 172 -20.18 -24.52 -10.38
C PHE A 172 -21.57 -24.82 -9.80
N ALA A 173 -22.61 -24.44 -10.52
CA ALA A 173 -23.98 -24.79 -10.17
C ALA A 173 -24.33 -24.31 -8.76
N ILE A 174 -23.95 -23.08 -8.47
CA ILE A 174 -24.33 -22.43 -7.22
C ILE A 174 -25.54 -21.59 -7.57
N THR A 175 -26.73 -22.10 -7.21
CA THR A 175 -27.97 -21.55 -7.71
C THR A 175 -28.40 -20.26 -7.03
N ARG A 176 -29.23 -19.47 -7.71
CA ARG A 176 -29.92 -18.32 -7.14
C ARG A 176 -30.56 -18.67 -5.80
N GLU A 177 -31.19 -19.83 -5.73
CA GLU A 177 -31.90 -20.21 -4.52
C GLU A 177 -30.93 -20.49 -3.37
N GLU A 178 -29.81 -21.15 -3.65
CA GLU A 178 -28.79 -21.39 -2.65
C GLU A 178 -28.18 -20.08 -2.19
N GLN A 179 -27.99 -19.13 -3.11
CA GLN A 179 -27.42 -17.83 -2.75
C GLN A 179 -28.38 -17.04 -1.87
N ASP A 180 -29.68 -17.11 -2.19
CA ASP A 180 -30.68 -16.40 -1.40
C ASP A 180 -30.83 -16.99 -0.01
N LYS A 181 -30.78 -18.30 0.10
CA LYS A 181 -30.87 -18.99 1.38
C LYS A 181 -29.68 -18.56 2.26
N TYR A 182 -28.50 -18.48 1.67
CA TYR A 182 -27.32 -18.06 2.41
C TYR A 182 -27.45 -16.59 2.84
N ALA A 183 -27.91 -15.74 1.94
CA ALA A 183 -28.09 -14.31 2.24
C ALA A 183 -29.06 -14.14 3.41
N ILE A 184 -30.17 -14.88 3.38
CA ILE A 184 -31.17 -14.79 4.45
C ILE A 184 -30.52 -15.19 5.78
N LEU A 185 -29.76 -16.27 5.76
CA LEU A 185 -29.05 -16.75 6.94
C LEU A 185 -28.09 -15.68 7.46
N SER A 186 -27.33 -15.05 6.57
CA SER A 186 -26.44 -13.99 7.01
C SER A 186 -27.18 -12.84 7.69
N TYR A 187 -28.26 -12.33 7.09
CA TYR A 187 -29.06 -11.27 7.71
C TYR A 187 -29.60 -11.71 9.07
N LYS A 188 -30.09 -12.93 9.16
CA LYS A 188 -30.61 -13.41 10.44
C LYS A 188 -29.52 -13.57 11.48
N ARG A 189 -28.36 -14.08 11.06
CA ARG A 189 -27.24 -14.26 11.96
C ARG A 189 -26.71 -12.92 12.46
N SER A 190 -26.67 -11.91 11.59
CA SER A 190 -26.25 -10.56 12.00
C SER A 190 -27.19 -9.97 13.06
N ALA A 191 -28.50 -10.10 12.86
CA ALA A 191 -29.47 -9.53 13.79
C ALA A 191 -29.38 -10.23 15.13
N ALA A 192 -29.21 -11.54 15.11
CA ALA A 192 -29.12 -12.32 16.36
C ALA A 192 -27.85 -11.95 17.12
N ALA A 193 -26.75 -11.80 16.40
CA ALA A 193 -25.50 -11.40 17.04
C ALA A 193 -25.61 -10.01 17.69
N TRP A 194 -26.21 -9.06 16.99
CA TRP A 194 -26.39 -7.73 17.54
C TRP A 194 -27.23 -7.84 18.84
N LYS A 195 -28.36 -8.54 18.78
CA LYS A 195 -29.22 -8.70 19.95
C LYS A 195 -28.50 -9.37 21.12
N GLU A 196 -27.61 -10.30 20.83
CA GLU A 196 -26.94 -11.05 21.87
C GLU A 196 -25.71 -10.35 22.46
N GLY A 197 -25.40 -9.14 21.97
CA GLY A 197 -24.25 -8.38 22.44
C GLY A 197 -22.89 -8.80 21.94
N ILE A 198 -22.88 -9.62 20.90
CA ILE A 198 -21.67 -10.17 20.33
C ILE A 198 -20.67 -9.10 19.92
N PHE A 199 -21.16 -7.98 19.43
CA PHE A 199 -20.29 -6.92 18.92
C PHE A 199 -19.95 -5.84 19.96
N ALA A 200 -20.35 -6.04 21.21
CA ALA A 200 -20.17 -5.00 22.20
C ALA A 200 -18.70 -4.78 22.54
N LYS A 201 -17.93 -5.86 22.51
CA LYS A 201 -16.50 -5.76 22.81
C LYS A 201 -15.74 -5.06 21.69
N GLU A 202 -16.23 -5.17 20.46
CA GLU A 202 -15.37 -4.72 19.33
C GLU A 202 -15.77 -3.36 18.76
N ILE A 203 -16.97 -2.87 19.03
CA ILE A 203 -17.47 -1.63 18.47
C ILE A 203 -17.07 -0.41 19.28
N ILE A 204 -16.65 0.65 18.60
CA ILE A 204 -16.59 1.97 19.20
C ILE A 204 -17.55 2.89 18.45
N PRO A 205 -18.36 3.66 19.18
CA PRO A 205 -19.30 4.58 18.54
C PRO A 205 -18.64 5.88 18.07
N LEU A 206 -19.33 6.57 17.17
CA LEU A 206 -18.89 7.86 16.62
C LEU A 206 -20.01 8.89 16.66
N GLU A 207 -19.63 10.13 17.00
CA GLU A 207 -20.54 11.26 16.82
C GLU A 207 -20.31 11.88 15.45
N VAL A 208 -21.41 12.08 14.73
CA VAL A 208 -21.35 12.62 13.37
C VAL A 208 -22.19 13.89 13.30
N THR A 214 -26.48 16.63 14.92
CA THR A 214 -25.48 15.70 15.45
C THR A 214 -26.09 14.38 15.88
N ILE A 215 -25.51 13.28 15.41
CA ILE A 215 -26.00 11.93 15.74
C ILE A 215 -24.90 11.05 16.31
N THR A 216 -25.28 10.07 17.10
CA THR A 216 -24.35 9.05 17.57
C THR A 216 -24.59 7.78 16.77
N VAL A 217 -23.55 7.28 16.11
CA VAL A 217 -23.64 6.05 15.33
C VAL A 217 -22.98 4.95 16.15
N GLU A 218 -23.78 3.98 16.58
CA GLU A 218 -23.24 2.96 17.48
C GLU A 218 -23.57 1.55 17.04
N GLU A 219 -24.31 1.42 15.95
CA GLU A 219 -24.77 0.15 15.44
C GLU A 219 -24.53 0.02 13.93
N ASP A 220 -24.17 -1.17 13.46
CA ASP A 220 -24.11 -1.46 12.01
C ASP A 220 -25.44 -1.11 11.34
N GLU A 221 -25.40 -0.32 10.29
CA GLU A 221 -26.61 0.22 9.68
C GLU A 221 -27.27 -0.74 8.67
N GLU A 222 -26.49 -1.65 8.09
CA GLU A 222 -26.95 -2.39 6.94
C GLU A 222 -27.90 -3.54 7.26
N TYR A 223 -27.76 -4.16 8.43
CA TYR A 223 -28.36 -5.48 8.58
C TYR A 223 -29.88 -5.43 8.78
N LYS A 224 -30.41 -4.24 9.06
CA LYS A 224 -31.86 -4.07 9.17
C LYS A 224 -32.50 -3.70 7.84
N LYS A 225 -31.68 -3.49 6.81
CA LYS A 225 -32.16 -3.10 5.49
C LYS A 225 -32.42 -4.35 4.68
N VAL A 226 -33.49 -5.06 5.03
CA VAL A 226 -33.81 -6.36 4.46
C VAL A 226 -35.32 -6.58 4.46
N ASN A 227 -35.79 -7.26 3.42
CA ASN A 227 -37.18 -7.74 3.35
C ASN A 227 -37.10 -9.17 2.85
N PHE A 228 -37.30 -10.10 3.75
CA PHE A 228 -37.08 -11.50 3.42
C PHE A 228 -38.01 -11.99 2.31
N GLU A 229 -39.24 -11.48 2.27
CA GLU A 229 -40.19 -11.99 1.29
C GLU A 229 -39.85 -11.49 -0.10
N LYS A 230 -39.15 -10.36 -0.17
CA LYS A 230 -38.80 -9.74 -1.44
C LYS A 230 -37.57 -10.37 -2.07
N ILE A 231 -36.73 -10.99 -1.25
CA ILE A 231 -35.43 -11.51 -1.70
C ILE A 231 -35.56 -12.46 -2.91
N PRO A 232 -36.44 -13.47 -2.84
CA PRO A 232 -36.61 -14.33 -4.03
C PRO A 232 -37.28 -13.66 -5.23
N LYS A 233 -37.78 -12.43 -5.08
CA LYS A 233 -38.44 -11.74 -6.18
C LYS A 233 -37.54 -10.83 -6.98
N LEU A 234 -36.31 -10.59 -6.48
CA LEU A 234 -35.45 -9.60 -7.12
C LEU A 234 -34.96 -10.05 -8.48
N LYS A 235 -34.66 -9.08 -9.32
CA LYS A 235 -34.03 -9.33 -10.61
C LYS A 235 -32.52 -9.45 -10.41
N PRO A 236 -31.84 -10.12 -11.35
CA PRO A 236 -30.37 -10.12 -11.29
C PRO A 236 -29.83 -8.69 -11.31
N ALA A 237 -28.76 -8.44 -10.55
CA ALA A 237 -28.16 -7.10 -10.44
C ALA A 237 -27.03 -6.81 -11.40
N PHE A 238 -26.40 -7.85 -11.97
CA PHE A 238 -25.17 -7.66 -12.73
C PHE A 238 -25.20 -8.15 -14.17
N THR A 239 -25.90 -9.26 -14.44
CA THR A 239 -26.00 -9.79 -15.79
C THR A 239 -27.44 -10.26 -16.04
N SER A 240 -27.85 -10.24 -17.31
CA SER A 240 -29.24 -10.51 -17.65
C SER A 240 -29.70 -11.89 -17.21
N GLU A 241 -28.85 -12.89 -17.35
CA GLU A 241 -29.19 -14.25 -16.95
C GLU A 241 -28.51 -14.64 -15.64
N GLY A 242 -28.25 -13.65 -14.79
CA GLY A 242 -27.43 -13.87 -13.61
C GLY A 242 -28.21 -14.39 -12.41
N SER A 243 -27.46 -14.79 -11.37
CA SER A 243 -28.02 -15.28 -10.13
C SER A 243 -27.75 -14.34 -8.94
N VAL A 244 -26.77 -13.46 -9.11
CA VAL A 244 -26.42 -12.50 -8.07
C VAL A 244 -27.39 -11.33 -8.09
N THR A 245 -27.89 -10.96 -6.91
CA THR A 245 -28.83 -9.84 -6.77
C THR A 245 -28.33 -8.82 -5.75
N ALA A 246 -29.03 -7.69 -5.66
CA ALA A 246 -28.68 -6.71 -4.63
C ALA A 246 -28.77 -7.33 -3.22
N ALA A 247 -29.68 -8.28 -2.99
CA ALA A 247 -29.81 -8.88 -1.67
C ALA A 247 -28.73 -9.90 -1.33
N ASN A 248 -28.25 -10.67 -2.33
CA ASN A 248 -27.29 -11.74 -2.03
C ASN A 248 -25.83 -11.35 -2.39
N ALA A 249 -25.64 -10.07 -2.74
CA ALA A 249 -24.32 -9.47 -2.95
C ALA A 249 -23.96 -8.58 -1.76
N SER A 250 -22.67 -8.43 -1.48
CA SER A 250 -22.28 -7.41 -0.52
C SER A 250 -22.72 -6.01 -1.02
N THR A 251 -22.86 -5.09 -0.09
CA THR A 251 -23.26 -3.72 -0.34
C THR A 251 -22.05 -2.79 -0.32
N LEU A 252 -22.26 -1.54 -0.68
CA LEU A 252 -21.27 -0.46 -0.59
C LEU A 252 -21.39 0.18 0.80
N ASN A 253 -20.27 0.39 1.48
CA ASN A 253 -20.29 0.83 2.88
C ASN A 253 -19.05 1.60 3.30
N ASP A 254 -19.13 2.17 4.50
CA ASP A 254 -18.08 2.96 5.16
C ASP A 254 -17.73 2.36 6.51
N GLY A 255 -16.44 2.27 6.83
CA GLY A 255 -16.03 1.78 8.12
C GLY A 255 -14.52 1.57 8.24
N ALA A 256 -14.05 1.32 9.46
CA ALA A 256 -12.64 1.06 9.72
C ALA A 256 -12.51 0.08 10.86
N ALA A 257 -11.44 -0.70 10.84
CA ALA A 257 -11.15 -1.71 11.85
C ALA A 257 -9.65 -1.76 12.06
N MET A 258 -9.22 -1.83 13.33
CA MET A 258 -7.81 -1.83 13.69
C MET A 258 -7.49 -2.88 14.75
N VAL A 259 -6.24 -3.33 14.75
CA VAL A 259 -5.69 -4.19 15.78
C VAL A 259 -4.38 -3.61 16.30
N VAL A 260 -4.03 -4.03 17.50
CA VAL A 260 -2.76 -3.67 18.14
C VAL A 260 -2.02 -4.99 18.36
N MET A 261 -0.77 -5.03 17.93
CA MET A 261 0.02 -6.25 17.93
C MET A 261 1.40 -6.03 18.53
N THR A 262 1.92 -7.07 19.18
CA THR A 262 3.25 -6.99 19.79
C THR A 262 3.83 -8.41 19.85
N THR A 263 4.98 -8.57 20.51
CA THR A 263 5.54 -9.89 20.76
C THR A 263 5.17 -10.30 22.18
N VAL A 264 5.36 -11.58 22.50
CA VAL A 264 5.13 -12.07 23.86
C VAL A 264 5.99 -11.26 24.84
N ASP A 265 7.21 -10.90 24.42
CA ASP A 265 8.08 -10.08 25.25
C ASP A 265 7.55 -8.67 25.43
N GLY A 266 7.07 -8.04 24.35
CA GLY A 266 6.52 -6.71 24.46
C GLY A 266 5.31 -6.66 25.38
N ALA A 267 4.48 -7.69 25.31
CA ALA A 267 3.28 -7.75 26.15
C ALA A 267 3.69 -7.84 27.62
N LYS A 268 4.63 -8.73 27.92
CA LYS A 268 5.18 -8.85 29.28
C LYS A 268 5.74 -7.53 29.78
N LYS A 269 6.57 -6.91 28.95
CA LYS A 269 7.22 -5.65 29.28
C LYS A 269 6.23 -4.58 29.69
N HIS A 270 5.09 -4.52 29.02
CA HIS A 270 4.13 -3.44 29.24
C HIS A 270 2.95 -3.85 30.10
N GLY A 271 2.99 -5.07 30.61
CA GLY A 271 1.93 -5.58 31.48
C GLY A 271 0.62 -5.79 30.74
N LEU A 272 0.71 -6.20 29.48
CA LEU A 272 -0.47 -6.35 28.63
C LEU A 272 -0.93 -7.79 28.61
N LYS A 273 -2.22 -7.99 28.34
CA LYS A 273 -2.78 -9.33 28.22
C LYS A 273 -2.92 -9.74 26.75
N PRO A 274 -2.14 -10.73 26.29
CA PRO A 274 -2.33 -11.23 24.92
C PRO A 274 -3.72 -11.84 24.75
N LEU A 275 -4.41 -11.46 23.69
CA LEU A 275 -5.77 -11.97 23.44
C LEU A 275 -5.70 -13.18 22.54
N ALA A 276 -4.80 -13.12 21.56
CA ALA A 276 -4.66 -14.21 20.61
C ALA A 276 -3.25 -14.21 20.04
N ARG A 277 -2.84 -15.35 19.50
CA ARG A 277 -1.56 -15.43 18.81
C ARG A 277 -1.71 -15.87 17.36
N MET A 278 -0.76 -15.41 16.55
CA MET A 278 -0.70 -15.74 15.15
C MET A 278 -0.21 -17.16 14.93
N LEU A 279 -0.92 -17.92 14.11
CA LEU A 279 -0.44 -19.24 13.69
C LEU A 279 0.06 -19.31 12.24
N ALA A 280 -0.58 -18.56 11.35
CA ALA A 280 -0.18 -18.57 9.94
C ALA A 280 -0.85 -17.44 9.18
N TYR A 281 -0.20 -16.99 8.11
CA TYR A 281 -0.81 -16.06 7.17
C TYR A 281 -0.18 -16.26 5.81
N GLY A 282 -0.93 -15.89 4.78
CA GLY A 282 -0.45 -15.99 3.42
C GLY A 282 -1.50 -15.55 2.43
N ASP A 283 -1.24 -15.85 1.17
CA ASP A 283 -2.08 -15.40 0.08
C ASP A 283 -2.02 -16.42 -1.05
N ALA A 284 -3.09 -16.50 -1.82
CA ALA A 284 -3.09 -17.24 -3.08
C ALA A 284 -3.78 -16.43 -4.16
N ALA A 285 -3.57 -16.80 -5.41
CA ALA A 285 -4.24 -16.07 -6.47
C ALA A 285 -4.52 -16.95 -7.69
N THR A 286 -5.51 -16.56 -8.47
CA THR A 286 -5.88 -17.25 -9.68
C THR A 286 -6.36 -16.23 -10.72
N HIS A 287 -6.98 -16.67 -11.81
CA HIS A 287 -7.47 -15.75 -12.82
C HIS A 287 -8.39 -14.68 -12.22
N PRO A 288 -8.22 -13.41 -12.65
CA PRO A 288 -9.02 -12.31 -12.11
C PRO A 288 -10.53 -12.59 -12.03
N ILE A 289 -11.16 -13.17 -13.06
CA ILE A 289 -12.60 -13.40 -13.04
C ILE A 289 -12.98 -14.44 -11.97
N ASP A 290 -12.00 -15.25 -11.56
CA ASP A 290 -12.25 -16.36 -10.64
C ASP A 290 -11.83 -16.06 -9.20
N PHE A 291 -11.81 -14.78 -8.79
CA PHE A 291 -11.45 -14.47 -7.40
C PHE A 291 -12.29 -15.25 -6.40
N GLY A 292 -13.50 -15.62 -6.81
CA GLY A 292 -14.41 -16.30 -5.89
C GLY A 292 -13.94 -17.68 -5.44
N ILE A 293 -13.04 -18.29 -6.20
CA ILE A 293 -12.50 -19.60 -5.84
C ILE A 293 -11.14 -19.51 -5.16
N ALA A 294 -10.59 -18.30 -5.04
CA ALA A 294 -9.28 -18.15 -4.41
C ALA A 294 -9.24 -18.47 -2.91
N PRO A 295 -10.33 -18.18 -2.15
CA PRO A 295 -10.26 -18.57 -0.73
C PRO A 295 -10.09 -20.08 -0.55
N ALA A 296 -10.63 -20.86 -1.48
CA ALA A 296 -10.52 -22.31 -1.38
C ALA A 296 -9.09 -22.78 -1.64
N SER A 297 -8.27 -21.90 -2.24
CA SER A 297 -6.84 -22.20 -2.43
C SER A 297 -5.99 -21.67 -1.27
N VAL A 298 -6.31 -20.49 -0.73
CA VAL A 298 -5.44 -19.96 0.31
C VAL A 298 -5.64 -20.74 1.62
N ILE A 299 -6.84 -21.28 1.85
CA ILE A 299 -7.09 -21.94 3.12
C ILE A 299 -6.19 -23.18 3.29
N PRO A 300 -6.14 -24.08 2.29
CA PRO A 300 -5.18 -25.18 2.44
C PRO A 300 -3.72 -24.71 2.60
N LYS A 301 -3.37 -23.61 1.95
CA LYS A 301 -2.03 -23.07 2.06
C LYS A 301 -1.72 -22.65 3.51
N VAL A 302 -2.60 -21.89 4.15
CA VAL A 302 -2.29 -21.44 5.51
C VAL A 302 -2.49 -22.59 6.53
N LEU A 303 -3.39 -23.53 6.26
CA LEU A 303 -3.49 -24.69 7.15
C LEU A 303 -2.17 -25.45 7.17
N LYS A 304 -1.57 -25.64 6.00
CA LYS A 304 -0.29 -26.34 5.91
C LYS A 304 0.81 -25.57 6.63
N LEU A 305 0.86 -24.25 6.46
CA LEU A 305 1.85 -23.43 7.17
C LEU A 305 1.73 -23.56 8.70
N ALA A 306 0.52 -23.72 9.20
CA ALA A 306 0.26 -23.86 10.64
C ALA A 306 0.35 -25.33 11.11
N GLY A 307 0.54 -26.26 10.18
CA GLY A 307 0.54 -27.68 10.52
C GLY A 307 -0.81 -28.19 11.00
N LEU A 308 -1.88 -27.67 10.40
CA LEU A 308 -3.25 -27.98 10.81
C LEU A 308 -4.07 -28.56 9.67
N GLN A 309 -5.22 -29.12 10.05
CA GLN A 309 -6.20 -29.63 9.11
C GLN A 309 -7.51 -28.87 9.28
N ILE A 310 -8.42 -29.03 8.33
CA ILE A 310 -9.72 -28.38 8.37
C ILE A 310 -10.46 -28.62 9.70
N LYS A 311 -10.37 -29.84 10.22
CA LYS A 311 -11.06 -30.19 11.47
C LYS A 311 -10.54 -29.43 12.68
N ASP A 312 -9.33 -28.89 12.59
CA ASP A 312 -8.73 -28.17 13.70
C ASP A 312 -9.25 -26.73 13.87
N ILE A 313 -10.02 -26.26 12.90
CA ILE A 313 -10.53 -24.89 12.96
C ILE A 313 -11.94 -24.83 13.56
N ASP A 314 -12.10 -23.99 14.59
CA ASP A 314 -13.38 -23.87 15.29
C ASP A 314 -14.33 -22.87 14.65
N LEU A 315 -13.78 -21.78 14.09
CA LEU A 315 -14.59 -20.75 13.44
C LEU A 315 -13.89 -20.31 12.17
N TRP A 316 -14.69 -20.15 11.12
CA TRP A 316 -14.26 -19.64 9.84
C TRP A 316 -14.91 -18.29 9.61
N GLU A 317 -14.11 -17.33 9.14
CA GLU A 317 -14.59 -16.09 8.58
C GLU A 317 -14.19 -16.05 7.11
N ILE A 318 -15.13 -16.39 6.23
CA ILE A 318 -14.88 -16.38 4.79
C ILE A 318 -15.65 -15.21 4.24
N ASN A 319 -14.96 -14.14 3.85
CA ASN A 319 -15.66 -12.89 3.61
C ASN A 319 -16.75 -13.03 2.58
N GLU A 320 -17.92 -12.50 2.92
CA GLU A 320 -19.12 -12.65 2.10
C GLU A 320 -19.16 -11.62 0.96
N ALA A 321 -18.17 -11.64 0.07
CA ALA A 321 -18.17 -10.69 -1.04
C ALA A 321 -19.50 -10.77 -1.79
N PHE A 322 -19.92 -12.02 -1.97
CA PHE A 322 -21.21 -12.43 -2.53
C PHE A 322 -21.51 -13.74 -1.81
N ALA A 323 -22.79 -14.09 -1.66
CA ALA A 323 -23.13 -15.39 -1.15
C ALA A 323 -22.39 -16.52 -1.90
N VAL A 324 -22.17 -16.32 -3.19
CA VAL A 324 -21.41 -17.27 -4.01
C VAL A 324 -20.13 -17.74 -3.35
N VAL A 325 -19.39 -16.82 -2.73
CA VAL A 325 -18.04 -17.17 -2.29
C VAL A 325 -18.02 -18.10 -1.06
N PRO A 326 -18.73 -17.77 0.05
CA PRO A 326 -18.78 -18.81 1.08
C PRO A 326 -19.37 -20.16 0.61
N LEU A 327 -20.37 -20.11 -0.24
CA LEU A 327 -20.97 -21.36 -0.74
C LEU A 327 -19.95 -22.22 -1.51
N TYR A 328 -19.21 -21.61 -2.43
CA TYR A 328 -18.20 -22.34 -3.17
C TYR A 328 -17.17 -22.91 -2.20
N THR A 329 -16.73 -22.08 -1.26
CA THR A 329 -15.65 -22.46 -0.38
C THR A 329 -16.07 -23.62 0.51
N MET A 330 -17.27 -23.52 1.08
CA MET A 330 -17.76 -24.56 1.98
C MET A 330 -17.92 -25.90 1.27
N LYS A 331 -18.51 -25.89 0.08
CA LYS A 331 -18.76 -27.18 -0.56
C LYS A 331 -17.47 -27.77 -1.15
N THR A 332 -16.53 -26.92 -1.56
CA THR A 332 -15.29 -27.42 -2.14
C THR A 332 -14.38 -28.04 -1.07
N LEU A 333 -14.34 -27.44 0.12
CA LEU A 333 -13.49 -27.91 1.19
C LEU A 333 -14.20 -28.82 2.20
N GLY A 334 -15.52 -28.94 2.09
CA GLY A 334 -16.27 -29.77 3.01
C GLY A 334 -16.39 -29.14 4.39
N LEU A 335 -16.67 -27.84 4.43
CA LEU A 335 -16.80 -27.13 5.71
C LEU A 335 -18.20 -27.26 6.28
N ASP A 336 -18.26 -27.24 7.61
CA ASP A 336 -19.52 -27.25 8.35
C ASP A 336 -20.06 -25.82 8.42
N GLU A 337 -21.20 -25.55 7.77
CA GLU A 337 -21.75 -24.19 7.73
C GLU A 337 -22.04 -23.64 9.13
N SER A 338 -22.23 -24.51 10.12
CA SER A 338 -22.53 -24.01 11.45
C SER A 338 -21.30 -23.39 12.12
N LYS A 339 -20.13 -23.53 11.49
CA LYS A 339 -18.87 -22.97 11.97
C LYS A 339 -18.40 -21.82 11.05
N VAL A 340 -19.21 -21.42 10.09
CA VAL A 340 -18.79 -20.43 9.08
C VAL A 340 -19.60 -19.13 9.18
N ASN A 341 -18.91 -17.99 9.35
CA ASN A 341 -19.56 -16.68 9.39
C ASN A 341 -20.75 -16.65 10.35
N ILE A 342 -20.51 -17.11 11.57
CA ILE A 342 -21.62 -17.43 12.46
C ILE A 342 -22.35 -16.20 13.01
N HIS A 343 -21.75 -15.03 12.88
CA HIS A 343 -22.34 -13.77 13.33
C HIS A 343 -22.62 -12.82 12.17
N GLY A 344 -22.85 -13.40 10.99
CA GLY A 344 -23.13 -12.61 9.80
C GLY A 344 -21.83 -12.28 9.07
N GLY A 345 -21.96 -11.43 8.07
CA GLY A 345 -20.83 -11.04 7.25
C GLY A 345 -21.22 -10.00 6.24
N ALA A 346 -20.35 -9.79 5.26
CA ALA A 346 -20.43 -8.65 4.37
C ALA A 346 -21.73 -8.50 3.54
N VAL A 347 -22.51 -9.57 3.38
CA VAL A 347 -23.78 -9.48 2.65
C VAL A 347 -24.79 -8.69 3.47
N SER A 348 -24.74 -8.84 4.79
CA SER A 348 -25.71 -8.20 5.68
C SER A 348 -25.14 -7.06 6.54
N LEU A 349 -23.86 -7.16 6.89
CA LEU A 349 -23.19 -6.11 7.66
C LEU A 349 -22.57 -5.04 6.75
N GLY A 350 -22.41 -5.34 5.46
CA GLY A 350 -21.76 -4.40 4.55
C GLY A 350 -20.27 -4.65 4.36
N HIS A 351 -19.70 -3.94 3.39
CA HIS A 351 -18.36 -4.25 2.89
C HIS A 351 -17.57 -3.01 2.45
N PRO A 352 -17.12 -2.20 3.42
CA PRO A 352 -16.17 -1.15 3.08
C PRO A 352 -14.88 -1.85 2.66
N ILE A 353 -14.51 -1.82 1.39
CA ILE A 353 -13.59 -2.85 0.89
C ILE A 353 -12.23 -2.86 1.62
N GLY A 354 -11.62 -1.71 1.92
CA GLY A 354 -10.37 -1.67 2.66
C GLY A 354 -10.49 -2.16 4.10
N MET A 355 -11.69 -2.14 4.67
CA MET A 355 -11.89 -2.48 6.06
C MET A 355 -12.02 -3.97 6.30
N SER A 356 -12.73 -4.68 5.43
CA SER A 356 -13.28 -5.98 5.80
C SER A 356 -12.25 -7.03 6.23
N GLY A 357 -11.08 -7.05 5.61
CA GLY A 357 -10.06 -8.02 5.96
C GLY A 357 -9.58 -7.83 7.38
N ALA A 358 -9.56 -6.60 7.86
CA ALA A 358 -9.21 -6.35 9.25
C ALA A 358 -10.38 -6.65 10.17
N ARG A 359 -11.60 -6.34 9.74
CA ARG A 359 -12.77 -6.59 10.57
C ARG A 359 -12.85 -8.06 10.92
N ILE A 360 -12.72 -8.94 9.93
CA ILE A 360 -12.99 -10.33 10.19
C ILE A 360 -11.90 -10.92 11.07
N VAL A 361 -10.66 -10.42 10.99
CA VAL A 361 -9.61 -10.91 11.89
C VAL A 361 -9.89 -10.37 13.31
N GLY A 362 -10.20 -9.08 13.46
CA GLY A 362 -10.54 -8.53 14.77
C GLY A 362 -11.73 -9.22 15.40
N HIS A 363 -12.70 -9.62 14.58
CA HIS A 363 -13.86 -10.31 15.10
C HIS A 363 -13.46 -11.64 15.73
N LEU A 364 -12.59 -12.39 15.06
CA LEU A 364 -12.08 -13.65 15.61
C LEU A 364 -11.31 -13.41 16.90
N VAL A 365 -10.51 -12.36 16.95
CA VAL A 365 -9.75 -12.03 18.17
C VAL A 365 -10.70 -11.89 19.37
N HIS A 366 -11.84 -11.24 19.18
CA HIS A 366 -12.79 -11.06 20.28
C HIS A 366 -13.73 -12.22 20.52
N THR A 367 -14.17 -12.92 19.47
CA THR A 367 -15.30 -13.83 19.64
C THR A 367 -14.88 -15.29 19.85
N LEU A 368 -13.67 -15.65 19.48
CA LEU A 368 -13.16 -17.00 19.73
C LEU A 368 -13.14 -17.20 21.25
N LYS A 369 -13.40 -18.41 21.69
CA LYS A 369 -13.22 -18.73 23.11
C LYS A 369 -11.79 -19.16 23.32
N PRO A 370 -11.25 -18.91 24.54
CA PRO A 370 -9.87 -19.34 24.80
C PRO A 370 -9.61 -20.80 24.41
N GLY A 371 -8.51 -21.01 23.70
CA GLY A 371 -8.15 -22.32 23.20
C GLY A 371 -8.63 -22.60 21.78
N GLN A 372 -9.58 -21.84 21.29
CA GLN A 372 -10.10 -22.07 19.93
C GLN A 372 -9.22 -21.45 18.85
N LYS A 373 -9.30 -22.04 17.66
CA LYS A 373 -8.56 -21.56 16.48
C LYS A 373 -9.54 -21.04 15.43
N GLY A 374 -9.19 -19.91 14.82
CA GLY A 374 -10.02 -19.31 13.80
C GLY A 374 -9.25 -19.05 12.53
N CYS A 375 -9.89 -19.26 11.38
CA CYS A 375 -9.29 -19.00 10.09
C CYS A 375 -10.14 -17.98 9.33
N ALA A 376 -9.48 -16.92 8.87
CA ALA A 376 -10.12 -15.89 8.03
C ALA A 376 -9.58 -15.99 6.61
N ALA A 377 -10.47 -15.87 5.63
CA ALA A 377 -10.09 -15.89 4.22
C ALA A 377 -10.90 -14.86 3.47
N ILE A 378 -10.23 -14.00 2.71
CA ILE A 378 -10.92 -12.90 2.05
C ILE A 378 -10.44 -12.73 0.60
N CYS A 379 -11.36 -12.89 -0.34
CA CYS A 379 -11.02 -12.77 -1.75
C CYS A 379 -10.86 -11.31 -2.13
N ASN A 380 -10.19 -11.07 -3.25
CA ASN A 380 -9.92 -9.71 -3.66
C ASN A 380 -9.85 -9.56 -5.17
N GLY A 381 -10.22 -8.37 -5.61
CA GLY A 381 -10.19 -8.03 -7.02
C GLY A 381 -8.84 -8.33 -7.61
N GLY A 382 -8.87 -8.82 -8.85
CA GLY A 382 -7.66 -9.23 -9.53
C GLY A 382 -7.36 -10.71 -9.43
N GLY A 383 -8.13 -11.42 -8.60
CA GLY A 383 -8.02 -12.87 -8.50
C GLY A 383 -7.43 -13.43 -7.23
N GLY A 384 -7.23 -12.59 -6.23
CA GLY A 384 -6.52 -13.03 -5.05
C GLY A 384 -7.40 -13.46 -3.88
N ALA A 385 -6.76 -14.06 -2.88
CA ALA A 385 -7.32 -14.13 -1.52
C ALA A 385 -6.23 -14.11 -0.46
N GLY A 386 -6.46 -13.38 0.61
CA GLY A 386 -5.63 -13.47 1.81
C GLY A 386 -6.19 -14.48 2.77
N GLY A 387 -5.29 -15.12 3.52
CA GLY A 387 -5.69 -16.04 4.57
C GLY A 387 -4.90 -15.82 5.85
N MET A 388 -5.52 -16.13 6.98
CA MET A 388 -4.87 -15.94 8.28
C MET A 388 -5.50 -16.89 9.29
N ILE A 389 -4.66 -17.47 10.15
CA ILE A 389 -5.12 -18.32 11.24
C ILE A 389 -4.57 -17.80 12.55
N ILE A 390 -5.44 -17.68 13.55
CA ILE A 390 -5.08 -17.23 14.89
C ILE A 390 -5.61 -18.20 15.94
N GLU A 391 -5.02 -18.12 17.12
CA GLU A 391 -5.42 -18.95 18.25
C GLU A 391 -5.72 -18.05 19.43
N LYS A 392 -6.90 -18.24 20.01
CA LYS A 392 -7.34 -17.40 21.13
C LYS A 392 -6.69 -17.85 22.43
N LEU A 393 -6.27 -16.88 23.23
CA LEU A 393 -5.66 -17.13 24.55
C LEU A 393 -6.59 -16.63 25.65
N ARG B 5 16.52 -17.18 8.75
CA ARG B 5 17.49 -16.65 7.80
C ARG B 5 18.08 -15.32 8.24
N PRO B 6 19.41 -15.15 8.10
CA PRO B 6 19.95 -13.80 8.22
C PRO B 6 19.51 -12.91 7.06
N ILE B 7 19.51 -11.61 7.32
CA ILE B 7 19.12 -10.63 6.30
C ILE B 7 20.02 -10.74 5.07
N THR B 8 21.29 -11.13 5.29
CA THR B 8 22.26 -11.24 4.21
C THR B 8 21.97 -12.39 3.23
N ASP B 9 21.00 -13.24 3.55
CA ASP B 9 20.54 -14.25 2.61
C ASP B 9 19.64 -13.67 1.51
N VAL B 10 19.15 -12.44 1.71
CA VAL B 10 18.30 -11.77 0.73
C VAL B 10 19.18 -11.13 -0.33
N VAL B 11 19.03 -11.58 -1.56
CA VAL B 11 19.85 -11.06 -2.64
C VAL B 11 19.04 -10.45 -3.77
N PHE B 12 19.62 -9.39 -4.35
CA PHE B 12 19.06 -8.79 -5.53
C PHE B 12 19.65 -9.50 -6.74
N VAL B 13 18.82 -9.98 -7.67
CA VAL B 13 19.36 -10.61 -8.90
C VAL B 13 19.07 -9.84 -10.19
N GLY B 14 18.22 -8.81 -10.14
CA GLY B 14 18.06 -7.94 -11.27
C GLY B 14 17.45 -6.62 -10.87
N ALA B 15 17.61 -5.62 -11.73
CA ALA B 15 17.09 -4.28 -11.49
C ALA B 15 17.02 -3.56 -12.81
N ALA B 16 15.90 -2.86 -13.05
CA ALA B 16 15.76 -2.05 -14.25
C ALA B 16 14.77 -0.92 -14.01
N ARG B 17 14.82 0.09 -14.87
CA ARG B 17 13.90 1.20 -14.79
C ARG B 17 13.61 1.79 -16.15
N THR B 18 12.49 2.48 -16.27
CA THR B 18 12.21 3.31 -17.42
C THR B 18 13.07 4.56 -17.33
N PRO B 19 13.29 5.24 -18.46
CA PRO B 19 13.68 6.64 -18.35
C PRO B 19 12.63 7.40 -17.53
N ILE B 20 13.05 8.53 -16.97
CA ILE B 20 12.11 9.42 -16.32
C ILE B 20 11.68 10.51 -17.30
N GLY B 21 10.38 10.59 -17.56
CA GLY B 21 9.82 11.59 -18.43
C GLY B 21 9.48 12.84 -17.68
N SER B 22 9.54 13.96 -18.39
CA SER B 22 9.14 15.26 -17.85
C SER B 22 7.60 15.42 -17.88
N PHE B 23 7.09 16.29 -17.00
CA PHE B 23 5.65 16.45 -16.80
C PHE B 23 4.95 16.76 -18.12
N ARG B 24 3.99 15.92 -18.46
CA ARG B 24 3.15 16.07 -19.66
C ARG B 24 3.95 16.09 -20.93
N SER B 25 5.08 15.39 -20.93
CA SER B 25 5.97 15.36 -22.07
C SER B 25 6.15 13.93 -22.61
N ALA B 26 7.32 13.29 -22.43
CA ALA B 26 7.60 12.00 -23.09
C ALA B 26 6.52 10.95 -22.86
N PHE B 27 6.09 10.84 -21.61
CA PHE B 27 5.09 9.83 -21.25
C PHE B 27 3.73 10.45 -20.95
N ASN B 28 3.45 11.61 -21.54
CA ASN B 28 2.12 12.19 -21.43
C ASN B 28 1.07 11.14 -21.87
N ASN B 29 -0.06 11.05 -21.16
CA ASN B 29 -1.11 10.06 -21.50
C ASN B 29 -0.69 8.58 -21.43
N VAL B 30 0.51 8.26 -20.95
CA VAL B 30 0.93 6.85 -20.80
C VAL B 30 0.60 6.41 -19.36
N PRO B 31 -0.35 5.48 -19.19
CA PRO B 31 -0.68 5.12 -17.81
C PRO B 31 0.49 4.56 -17.02
N VAL B 32 0.42 4.77 -15.71
CA VAL B 32 1.47 4.28 -14.82
C VAL B 32 1.70 2.78 -14.95
N THR B 33 0.62 2.05 -15.27
CA THR B 33 0.71 0.61 -15.40
C THR B 33 1.58 0.16 -16.58
N VAL B 34 1.61 0.95 -17.65
CA VAL B 34 2.49 0.67 -18.79
C VAL B 34 3.94 0.84 -18.35
N LEU B 35 4.21 1.94 -17.64
CA LEU B 35 5.56 2.18 -17.17
C LEU B 35 6.04 1.06 -16.24
N GLY B 36 5.18 0.69 -15.31
CA GLY B 36 5.52 -0.36 -14.38
C GLY B 36 5.73 -1.69 -15.09
N ARG B 37 4.86 -1.99 -16.04
CA ARG B 37 5.00 -3.22 -16.82
C ARG B 37 6.36 -3.32 -17.51
N GLU B 38 6.76 -2.26 -18.19
CA GLU B 38 8.02 -2.30 -18.92
C GLU B 38 9.22 -2.35 -17.96
N ALA B 39 9.17 -1.61 -16.87
CA ALA B 39 10.25 -1.75 -15.90
C ALA B 39 10.36 -3.18 -15.33
N LEU B 40 9.23 -3.82 -15.06
CA LEU B 40 9.26 -5.15 -14.48
C LEU B 40 9.75 -6.17 -15.52
N LYS B 41 9.29 -6.07 -16.77
CA LYS B 41 9.82 -6.93 -17.84
C LYS B 41 11.34 -6.78 -17.91
N GLY B 42 11.80 -5.54 -17.83
CA GLY B 42 13.23 -5.24 -17.90
C GLY B 42 14.03 -5.83 -16.76
N ALA B 43 13.49 -5.74 -15.54
CA ALA B 43 14.18 -6.25 -14.38
C ALA B 43 14.29 -7.78 -14.43
N LEU B 44 13.22 -8.44 -14.92
CA LEU B 44 13.22 -9.90 -14.98
C LEU B 44 14.23 -10.34 -16.04
N LYS B 45 14.26 -9.64 -17.16
CA LYS B 45 15.27 -9.93 -18.20
C LYS B 45 16.68 -9.70 -17.66
N ASN B 46 16.89 -8.61 -16.92
CA ASN B 46 18.19 -8.34 -16.32
C ASN B 46 18.62 -9.47 -15.38
N ALA B 47 17.64 -10.07 -14.70
CA ALA B 47 17.87 -11.13 -13.74
C ALA B 47 18.00 -12.53 -14.37
N ASN B 48 17.64 -12.63 -15.65
CA ASN B 48 17.52 -13.90 -16.35
C ASN B 48 16.53 -14.81 -15.62
N VAL B 49 15.45 -14.19 -15.15
CA VAL B 49 14.36 -14.89 -14.45
C VAL B 49 13.11 -14.90 -15.31
N LYS B 50 12.63 -16.08 -15.67
CA LYS B 50 11.40 -16.13 -16.43
C LYS B 50 10.23 -15.68 -15.55
N PRO B 51 9.30 -14.91 -16.14
CA PRO B 51 8.21 -14.35 -15.32
C PRO B 51 7.42 -15.39 -14.53
N SER B 52 7.27 -16.60 -15.06
CA SER B 52 6.56 -17.67 -14.34
C SER B 52 7.16 -18.08 -12.99
N LEU B 53 8.39 -17.63 -12.68
CA LEU B 53 9.01 -17.97 -11.40
C LEU B 53 8.66 -17.00 -10.27
N VAL B 54 8.08 -15.85 -10.62
CA VAL B 54 7.75 -14.84 -9.61
C VAL B 54 6.54 -15.28 -8.78
N GLN B 55 6.71 -15.30 -7.46
CA GLN B 55 5.66 -15.77 -6.55
C GLN B 55 4.89 -14.63 -5.91
N GLU B 56 5.54 -13.48 -5.74
CA GLU B 56 4.91 -12.35 -5.06
C GLU B 56 5.55 -11.02 -5.49
N ALA B 57 4.75 -9.95 -5.44
CA ALA B 57 5.17 -8.62 -5.81
C ALA B 57 4.66 -7.58 -4.82
N PHE B 58 5.49 -6.59 -4.52
CA PHE B 58 5.08 -5.37 -3.81
C PHE B 58 5.46 -4.17 -4.65
N ILE B 59 4.51 -3.30 -4.99
CA ILE B 59 4.81 -2.16 -5.84
C ILE B 59 4.28 -0.88 -5.20
N GLY B 60 5.16 0.10 -5.09
CA GLY B 60 4.79 1.40 -4.58
C GLY B 60 4.17 2.29 -5.64
N VAL B 61 3.11 3.00 -5.25
CA VAL B 61 2.50 4.04 -6.10
C VAL B 61 1.66 4.93 -5.20
N VAL B 62 1.82 6.24 -5.35
CA VAL B 62 1.25 7.19 -4.39
C VAL B 62 -0.13 7.69 -4.79
N VAL B 63 -0.29 8.11 -6.04
CA VAL B 63 -1.58 8.64 -6.52
C VAL B 63 -2.03 7.91 -7.79
N PRO B 64 -2.53 6.69 -7.62
CA PRO B 64 -2.97 5.88 -8.77
C PRO B 64 -4.41 6.14 -9.20
N SER B 65 -5.02 7.25 -8.77
CA SER B 65 -6.42 7.48 -9.10
C SER B 65 -6.66 7.46 -10.63
N ASN B 66 -7.72 6.74 -11.00
CA ASN B 66 -8.18 6.54 -12.37
C ASN B 66 -7.25 5.63 -13.19
N ALA B 67 -6.31 4.93 -12.55
CA ALA B 67 -5.48 3.94 -13.26
C ALA B 67 -6.16 2.55 -13.28
N GLY B 68 -7.35 2.46 -12.68
CA GLY B 68 -8.12 1.23 -12.69
C GLY B 68 -7.88 0.34 -11.49
N GLN B 69 -8.62 -0.76 -11.42
CA GLN B 69 -8.50 -1.67 -10.28
C GLN B 69 -7.13 -2.31 -10.19
N GLY B 70 -6.53 -2.23 -9.02
CA GLY B 70 -5.28 -2.94 -8.76
C GLY B 70 -4.17 -2.71 -9.78
N PRO B 71 -3.73 -1.47 -9.94
CA PRO B 71 -2.65 -1.18 -10.90
C PRO B 71 -1.40 -2.03 -10.65
N ALA B 72 -1.08 -2.39 -9.41
CA ALA B 72 0.09 -3.26 -9.19
C ALA B 72 -0.15 -4.64 -9.83
N ARG B 73 -1.36 -5.16 -9.72
CA ARG B 73 -1.73 -6.44 -10.37
C ARG B 73 -1.64 -6.32 -11.90
N GLN B 74 -2.10 -5.18 -12.43
CA GLN B 74 -2.02 -4.91 -13.87
C GLN B 74 -0.58 -5.00 -14.37
N VAL B 75 0.34 -4.41 -13.63
CA VAL B 75 1.74 -4.47 -13.97
C VAL B 75 2.26 -5.89 -14.01
N VAL B 76 1.99 -6.65 -12.97
CA VAL B 76 2.50 -8.00 -12.81
C VAL B 76 1.96 -8.92 -13.90
N LEU B 77 0.66 -8.88 -14.15
CA LEU B 77 0.10 -9.72 -15.21
C LEU B 77 0.57 -9.21 -16.57
N GLY B 78 0.68 -7.90 -16.73
CA GLY B 78 1.14 -7.32 -18.00
C GLY B 78 2.56 -7.73 -18.34
N ALA B 79 3.39 -7.94 -17.33
CA ALA B 79 4.79 -8.37 -17.52
C ALA B 79 4.94 -9.87 -17.82
N GLY B 80 3.82 -10.59 -17.81
CA GLY B 80 3.83 -11.99 -18.15
C GLY B 80 3.86 -12.95 -16.97
N CYS B 81 3.79 -12.44 -15.74
CA CYS B 81 3.75 -13.31 -14.57
C CYS B 81 2.44 -14.11 -14.52
N ASP B 82 2.49 -15.25 -13.86
CA ASP B 82 1.36 -16.13 -13.77
C ASP B 82 0.28 -15.52 -12.86
N VAL B 83 -0.96 -15.89 -13.11
CA VAL B 83 -2.05 -15.39 -12.27
C VAL B 83 -1.94 -15.88 -10.82
N SER B 84 -1.14 -16.92 -10.58
CA SER B 84 -0.85 -17.40 -9.22
C SER B 84 0.01 -16.44 -8.40
N THR B 85 0.58 -15.42 -9.04
CA THR B 85 1.43 -14.46 -8.34
C THR B 85 0.61 -13.61 -7.37
N VAL B 86 1.14 -13.43 -6.16
CA VAL B 86 0.50 -12.59 -5.13
C VAL B 86 0.98 -11.15 -5.31
N VAL B 87 0.07 -10.18 -5.26
CA VAL B 87 0.42 -8.77 -5.53
C VAL B 87 -0.22 -7.82 -4.53
N THR B 88 0.58 -6.86 -4.05
CA THR B 88 0.18 -5.79 -3.14
C THR B 88 0.78 -4.48 -3.58
N ALA B 89 0.01 -3.39 -3.48
CA ALA B 89 0.54 -2.05 -3.62
C ALA B 89 0.78 -1.38 -2.28
N VAL B 90 1.81 -0.54 -2.22
CA VAL B 90 2.07 0.21 -0.99
C VAL B 90 2.21 1.70 -1.28
N ASN B 91 1.78 2.49 -0.31
CA ASN B 91 1.95 3.93 -0.36
C ASN B 91 2.57 4.44 0.93
N LYS B 92 3.84 4.85 0.81
CA LYS B 92 4.54 5.60 1.85
C LYS B 92 5.08 6.88 1.22
N MET B 93 4.23 7.54 0.44
CA MET B 93 4.58 8.74 -0.30
C MET B 93 5.90 8.50 -1.05
N SER B 94 6.87 9.42 -0.98
CA SER B 94 8.08 9.23 -1.78
C SER B 94 8.94 8.08 -1.29
N ALA B 95 8.66 7.47 -0.14
CA ALA B 95 9.39 6.28 0.27
C ALA B 95 8.76 4.99 -0.28
N SER B 96 7.67 5.11 -1.03
CA SER B 96 6.91 3.92 -1.45
C SER B 96 7.76 2.85 -2.15
N GLY B 97 8.60 3.27 -3.11
CA GLY B 97 9.36 2.32 -3.88
C GLY B 97 10.44 1.60 -3.07
N MET B 98 10.90 2.24 -2.01
CA MET B 98 11.84 1.58 -1.08
C MET B 98 11.11 0.67 -0.10
N LYS B 99 10.00 1.14 0.47
CA LYS B 99 9.27 0.34 1.42
C LYS B 99 8.76 -0.93 0.76
N ALA B 100 8.38 -0.85 -0.52
CA ALA B 100 7.97 -2.05 -1.25
C ALA B 100 9.10 -3.11 -1.23
N ILE B 101 10.32 -2.67 -1.48
CA ILE B 101 11.51 -3.54 -1.44
C ILE B 101 11.74 -4.11 -0.04
N ALA B 102 11.54 -3.29 0.98
CA ALA B 102 11.66 -3.77 2.37
C ALA B 102 10.65 -4.88 2.67
N CYS B 103 9.40 -4.67 2.28
CA CYS B 103 8.36 -5.64 2.55
C CYS B 103 8.67 -6.98 1.87
N ALA B 104 9.17 -6.90 0.64
CA ALA B 104 9.56 -8.09 -0.10
C ALA B 104 10.70 -8.81 0.63
N ALA B 105 11.68 -8.04 1.07
CA ALA B 105 12.80 -8.61 1.82
C ALA B 105 12.34 -9.32 3.09
N SER B 106 11.37 -8.75 3.79
CA SER B 106 10.85 -9.35 5.02
C SER B 106 10.26 -10.74 4.75
N ILE B 107 9.47 -10.90 3.69
CA ILE B 107 8.86 -12.20 3.47
C ILE B 107 9.90 -13.20 2.94
N LEU B 108 10.94 -12.74 2.26
CA LEU B 108 12.02 -13.65 1.89
C LEU B 108 12.78 -14.13 3.12
N GLN B 109 13.09 -13.24 4.03
CA GLN B 109 13.87 -13.62 5.22
C GLN B 109 13.07 -14.61 6.09
N LEU B 110 11.74 -14.54 6.02
CA LEU B 110 10.87 -15.44 6.81
C LEU B 110 10.55 -16.73 6.04
N ASP B 111 11.14 -16.90 4.85
CA ASP B 111 10.90 -18.05 3.97
C ASP B 111 9.43 -18.27 3.64
N LEU B 112 8.69 -17.18 3.52
CA LEU B 112 7.28 -17.23 3.10
C LEU B 112 7.14 -17.26 1.56
N GLN B 113 8.15 -16.74 0.87
CA GLN B 113 8.31 -16.91 -0.56
C GLN B 113 9.79 -17.08 -0.88
N GLU B 114 10.08 -17.45 -2.12
CA GLU B 114 11.47 -17.61 -2.57
C GLU B 114 11.86 -16.64 -3.69
N MET B 115 10.92 -16.31 -4.55
CA MET B 115 11.20 -15.40 -5.67
C MET B 115 10.17 -14.27 -5.68
N VAL B 116 10.64 -13.05 -5.46
CA VAL B 116 9.74 -11.90 -5.35
C VAL B 116 10.26 -10.72 -6.18
N VAL B 117 9.34 -9.87 -6.62
CA VAL B 117 9.72 -8.62 -7.26
C VAL B 117 9.15 -7.44 -6.47
N ALA B 118 9.77 -6.28 -6.62
CA ALA B 118 9.36 -5.11 -5.86
C ALA B 118 9.83 -3.88 -6.58
N GLY B 119 9.17 -2.77 -6.34
CA GLY B 119 9.59 -1.54 -6.95
C GLY B 119 8.61 -0.43 -6.74
N GLY B 120 8.65 0.55 -7.61
CA GLY B 120 7.77 1.71 -7.51
C GLY B 120 7.51 2.33 -8.85
N MET B 121 6.42 3.09 -8.93
CA MET B 121 5.99 3.67 -10.18
C MET B 121 5.15 4.91 -9.93
N GLU B 122 5.15 5.83 -10.88
CA GLU B 122 4.22 6.95 -10.81
C GLU B 122 4.05 7.55 -12.19
N SER B 123 2.83 7.88 -12.57
CA SER B 123 2.55 8.78 -13.69
C SER B 123 1.91 10.05 -13.16
N MET B 124 2.73 11.05 -12.84
CA MET B 124 2.15 12.29 -12.42
C MET B 124 1.40 12.99 -13.57
N SER B 125 1.85 12.77 -14.81
CA SER B 125 1.13 13.32 -15.97
C SER B 125 -0.30 12.83 -16.07
N CYS B 126 -0.57 11.61 -15.61
CA CYS B 126 -1.91 11.05 -15.71
C CYS B 126 -2.78 11.16 -14.44
N VAL B 127 -2.32 11.90 -13.42
CA VAL B 127 -3.15 12.12 -12.25
C VAL B 127 -4.35 12.97 -12.67
N PRO B 128 -5.57 12.55 -12.30
CA PRO B 128 -6.76 13.29 -12.70
C PRO B 128 -7.14 14.44 -11.77
N PHE B 129 -8.23 15.11 -12.14
CA PHE B 129 -8.91 16.03 -11.26
C PHE B 129 -10.09 15.35 -10.59
N TYR B 130 -10.48 15.84 -9.43
CA TYR B 130 -11.56 15.24 -8.64
C TYR B 130 -12.78 16.15 -8.53
N LEU B 131 -13.95 15.53 -8.60
CA LEU B 131 -15.20 16.17 -8.18
C LEU B 131 -15.88 15.32 -7.13
N PRO B 132 -16.19 15.90 -5.95
CA PRO B 132 -16.82 15.09 -4.91
C PRO B 132 -18.21 14.53 -5.29
N ARG B 133 -18.54 13.40 -4.66
CA ARG B 133 -19.81 12.73 -4.83
C ARG B 133 -20.95 13.57 -4.23
N GLY B 134 -22.14 13.41 -4.78
CA GLY B 134 -23.34 13.97 -4.21
C GLY B 134 -23.82 15.23 -4.91
N GLU B 135 -24.47 16.10 -4.16
CA GLU B 135 -25.05 17.32 -4.70
C GLU B 135 -23.96 18.33 -5.02
N ILE B 136 -23.86 18.70 -6.30
CA ILE B 136 -22.96 19.79 -6.70
C ILE B 136 -23.47 21.09 -6.08
N PRO B 137 -22.65 21.74 -5.25
CA PRO B 137 -23.15 22.90 -4.51
C PRO B 137 -23.67 24.05 -5.38
N PHE B 138 -24.83 24.59 -5.03
CA PHE B 138 -25.27 25.84 -5.66
C PHE B 138 -24.15 26.86 -5.63
N GLY B 139 -23.88 27.51 -6.77
CA GLY B 139 -22.84 28.50 -6.86
C GLY B 139 -21.53 27.96 -7.41
N GLY B 140 -21.45 26.65 -7.54
CA GLY B 140 -20.31 25.98 -8.13
C GLY B 140 -19.35 25.39 -7.10
N THR B 141 -18.27 24.83 -7.60
CA THR B 141 -17.33 24.15 -6.72
C THR B 141 -16.01 23.93 -7.41
N LYS B 142 -14.99 23.58 -6.63
CA LYS B 142 -13.66 23.38 -7.18
C LYS B 142 -13.46 21.98 -7.75
N LEU B 143 -12.94 21.95 -8.98
CA LEU B 143 -12.37 20.75 -9.55
C LEU B 143 -10.96 20.66 -8.95
N ILE B 144 -10.73 19.61 -8.15
CA ILE B 144 -9.52 19.44 -7.34
C ILE B 144 -8.41 18.72 -8.09
N ASP B 145 -7.20 19.25 -8.06
CA ASP B 145 -6.07 18.63 -8.73
C ASP B 145 -5.50 17.57 -7.81
N GLY B 146 -5.51 16.30 -8.25
CA GLY B 146 -5.02 15.21 -7.44
C GLY B 146 -3.56 15.31 -7.04
N ILE B 147 -2.75 16.05 -7.80
CA ILE B 147 -1.31 16.11 -7.50
C ILE B 147 -1.06 16.83 -6.16
N PRO B 148 -1.48 18.11 -6.01
CA PRO B 148 -1.36 18.69 -4.67
C PRO B 148 -2.25 18.01 -3.63
N ARG B 149 -3.45 17.59 -4.02
CA ARG B 149 -4.40 17.10 -3.02
C ARG B 149 -3.91 15.82 -2.37
N ASP B 150 -3.57 14.81 -3.16
CA ASP B 150 -3.17 13.52 -2.58
C ASP B 150 -1.65 13.29 -2.60
N GLY B 151 -0.92 14.11 -3.34
CA GLY B 151 0.52 13.96 -3.48
C GLY B 151 1.39 14.91 -2.68
N LEU B 152 1.16 16.23 -2.84
CA LEU B 152 2.18 17.21 -2.46
C LEU B 152 1.81 18.23 -1.40
N ASN B 153 0.55 18.36 -1.03
CA ASN B 153 0.17 19.33 0.00
C ASN B 153 0.15 18.72 1.38
N ASP B 154 0.89 19.29 2.32
CA ASP B 154 0.82 18.80 3.69
C ASP B 154 -0.55 19.07 4.30
N VAL B 155 -1.20 18.01 4.80
CA VAL B 155 -2.52 18.14 5.39
C VAL B 155 -2.53 18.99 6.67
N TYR B 156 -1.52 18.84 7.51
CA TYR B 156 -1.55 19.44 8.87
C TYR B 156 -1.25 20.94 8.82
N ASN B 157 -0.31 21.31 7.98
CA ASN B 157 0.12 22.70 7.81
C ASN B 157 -0.56 23.42 6.65
N ASP B 158 -1.18 22.66 5.76
CA ASP B 158 -1.82 23.18 4.56
C ASP B 158 -0.87 24.01 3.69
N ILE B 159 0.33 23.48 3.50
CA ILE B 159 1.32 24.09 2.63
C ILE B 159 2.01 22.97 1.84
N LEU B 160 2.58 23.32 0.70
CA LEU B 160 3.20 22.34 -0.17
C LEU B 160 4.51 21.85 0.41
N MET B 161 4.95 20.68 -0.05
CA MET B 161 6.22 20.12 0.40
C MET B 161 7.35 21.14 0.26
N GLY B 162 7.36 21.92 -0.82
CA GLY B 162 8.41 22.89 -1.03
C GLY B 162 8.43 24.00 0.01
N ALA B 163 7.25 24.38 0.49
CA ALA B 163 7.15 25.40 1.55
C ALA B 163 7.67 24.83 2.87
N CYS B 164 7.46 23.53 3.11
CA CYS B 164 8.06 22.87 4.26
C CYS B 164 9.58 22.94 4.16
N ALA B 165 10.10 22.69 2.96
CA ALA B 165 11.54 22.74 2.77
C ALA B 165 12.08 24.14 3.02
N ASP B 166 11.36 25.18 2.62
CA ASP B 166 11.76 26.57 2.95
C ASP B 166 11.93 26.74 4.46
N LYS B 167 11.02 26.16 5.22
CA LYS B 167 11.06 26.28 6.69
C LYS B 167 12.31 25.63 7.26
N VAL B 168 12.60 24.42 6.83
CA VAL B 168 13.77 23.71 7.28
C VAL B 168 15.04 24.45 6.86
N ALA B 169 15.08 24.91 5.62
CA ALA B 169 16.24 25.67 5.14
C ALA B 169 16.53 26.91 5.99
N LYS B 170 15.49 27.67 6.30
CA LYS B 170 15.67 28.88 7.12
C LYS B 170 16.14 28.53 8.54
N GLN B 171 15.53 27.51 9.13
CA GLN B 171 15.90 27.07 10.49
C GLN B 171 17.37 26.65 10.62
N PHE B 172 17.89 25.98 9.59
CA PHE B 172 19.26 25.47 9.61
C PHE B 172 20.25 26.24 8.71
N ALA B 173 19.85 27.44 8.30
CA ALA B 173 20.74 28.34 7.56
C ALA B 173 21.32 27.69 6.32
N ILE B 174 20.45 27.00 5.60
CA ILE B 174 20.78 26.42 4.30
C ILE B 174 20.37 27.43 3.24
N THR B 175 21.35 28.15 2.71
CA THR B 175 21.06 29.32 1.90
C THR B 175 20.62 28.99 0.48
N ARG B 176 19.95 29.98 -0.11
CA ARG B 176 19.62 29.98 -1.53
C ARG B 176 20.86 29.67 -2.36
N GLU B 177 21.99 30.27 -2.01
CA GLU B 177 23.22 30.09 -2.78
C GLU B 177 23.75 28.66 -2.68
N GLU B 178 23.68 28.07 -1.50
CA GLU B 178 24.11 26.69 -1.29
C GLU B 178 23.18 25.75 -2.06
N GLN B 179 21.89 26.04 -2.03
CA GLN B 179 20.91 25.20 -2.72
C GLN B 179 21.14 25.25 -4.21
N ASP B 180 21.43 26.44 -4.74
CA ASP B 180 21.66 26.57 -6.19
C ASP B 180 22.97 25.90 -6.59
N LYS B 181 24.02 26.02 -5.77
CA LYS B 181 25.29 25.34 -6.03
C LYS B 181 25.07 23.83 -6.10
N TYR B 182 24.26 23.30 -5.18
CA TYR B 182 23.98 21.87 -5.17
C TYR B 182 23.17 21.45 -6.40
N ALA B 183 22.17 22.25 -6.75
CA ALA B 183 21.33 21.98 -7.91
C ALA B 183 22.17 21.92 -9.19
N ILE B 184 23.07 22.89 -9.34
CA ILE B 184 23.96 22.89 -10.50
C ILE B 184 24.81 21.62 -10.54
N LEU B 185 25.37 21.23 -9.40
CA LEU B 185 26.17 20.02 -9.33
C LEU B 185 25.33 18.79 -9.72
N SER B 186 24.08 18.73 -9.28
CA SER B 186 23.23 17.62 -9.67
C SER B 186 23.00 17.57 -11.19
N TYR B 187 22.65 18.70 -11.80
CA TYR B 187 22.48 18.73 -13.25
C TYR B 187 23.77 18.33 -13.97
N LYS B 188 24.91 18.81 -13.50
CA LYS B 188 26.18 18.50 -14.19
C LYS B 188 26.53 17.03 -14.01
N ARG B 189 26.27 16.48 -12.82
CA ARG B 189 26.54 15.07 -12.57
C ARG B 189 25.63 14.18 -13.39
N SER B 190 24.36 14.58 -13.55
CA SER B 190 23.44 13.79 -14.35
C SER B 190 23.91 13.75 -15.79
N ALA B 191 24.31 14.90 -16.34
CA ALA B 191 24.78 14.93 -17.72
C ALA B 191 26.05 14.11 -17.89
N ALA B 192 26.99 14.21 -16.96
CA ALA B 192 28.24 13.46 -17.05
C ALA B 192 27.97 11.95 -16.99
N ALA B 193 27.09 11.53 -16.09
CA ALA B 193 26.76 10.11 -15.98
C ALA B 193 26.12 9.56 -17.24
N TRP B 194 25.19 10.30 -17.82
CA TRP B 194 24.58 9.87 -19.08
C TRP B 194 25.64 9.74 -20.16
N LYS B 195 26.54 10.72 -20.29
CA LYS B 195 27.62 10.64 -21.29
C LYS B 195 28.57 9.46 -21.08
N GLU B 196 28.82 9.09 -19.83
CA GLU B 196 29.73 8.02 -19.51
C GLU B 196 29.11 6.63 -19.58
N GLY B 197 27.82 6.56 -19.87
CA GLY B 197 27.15 5.28 -20.00
C GLY B 197 26.71 4.67 -18.68
N ILE B 198 26.72 5.45 -17.61
CA ILE B 198 26.45 4.95 -16.26
C ILE B 198 25.08 4.27 -16.16
N PHE B 199 24.11 4.77 -16.91
CA PHE B 199 22.75 4.26 -16.81
C PHE B 199 22.45 3.16 -17.82
N ALA B 200 23.43 2.75 -18.60
CA ALA B 200 23.17 1.76 -19.62
C ALA B 200 22.74 0.42 -19.06
N LYS B 201 23.26 0.04 -17.90
CA LYS B 201 22.91 -1.25 -17.30
C LYS B 201 21.46 -1.25 -16.82
N GLU B 202 20.97 -0.09 -16.40
CA GLU B 202 19.71 -0.08 -15.63
C GLU B 202 18.48 0.37 -16.43
N ILE B 203 18.67 1.04 -17.55
CA ILE B 203 17.60 1.59 -18.37
C ILE B 203 17.01 0.60 -19.36
N ILE B 204 15.68 0.54 -19.44
CA ILE B 204 15.02 -0.09 -20.58
C ILE B 204 14.21 0.96 -21.34
N PRO B 205 14.30 0.95 -22.67
CA PRO B 205 13.59 1.94 -23.46
C PRO B 205 12.10 1.61 -23.66
N LEU B 206 11.31 2.62 -23.99
CA LEU B 206 9.89 2.46 -24.29
C LEU B 206 9.51 3.08 -25.61
N GLU B 207 8.62 2.41 -26.36
CA GLU B 207 7.99 3.02 -27.51
C GLU B 207 6.66 3.63 -27.11
N VAL B 208 6.44 4.88 -27.52
CA VAL B 208 5.21 5.60 -27.21
C VAL B 208 4.58 6.11 -28.51
N THR B 214 4.81 7.50 -33.53
CA THR B 214 5.51 6.73 -32.51
C THR B 214 6.94 7.22 -32.28
N ILE B 215 7.36 7.22 -31.02
CA ILE B 215 8.73 7.58 -30.65
C ILE B 215 9.31 6.54 -29.71
N THR B 216 10.63 6.48 -29.62
CA THR B 216 11.29 5.63 -28.65
C THR B 216 11.90 6.50 -27.58
N VAL B 217 11.48 6.29 -26.32
CA VAL B 217 12.04 7.02 -25.18
C VAL B 217 13.11 6.17 -24.54
N GLU B 218 14.35 6.68 -24.56
CA GLU B 218 15.48 5.91 -24.10
C GLU B 218 16.38 6.67 -23.12
N GLU B 219 16.09 7.95 -22.94
CA GLU B 219 16.91 8.82 -22.12
C GLU B 219 16.05 9.62 -21.12
N ASP B 220 16.60 9.83 -19.91
CA ASP B 220 15.95 10.72 -18.96
C ASP B 220 15.75 12.09 -19.60
N GLU B 221 14.53 12.60 -19.55
CA GLU B 221 14.16 13.83 -20.22
C GLU B 221 14.52 15.11 -19.46
N GLU B 222 14.66 15.04 -18.15
CA GLU B 222 14.66 16.25 -17.34
C GLU B 222 16.01 16.96 -17.32
N TYR B 223 17.11 16.23 -17.45
CA TYR B 223 18.39 16.78 -17.00
C TYR B 223 18.97 17.80 -17.99
N LYS B 224 18.45 17.83 -19.22
CA LYS B 224 18.86 18.85 -20.17
C LYS B 224 18.03 20.13 -20.05
N LYS B 225 16.97 20.09 -19.24
CA LYS B 225 16.09 21.23 -19.08
C LYS B 225 16.64 22.15 -17.98
N VAL B 226 17.71 22.86 -18.31
CA VAL B 226 18.44 23.68 -17.37
C VAL B 226 19.11 24.86 -18.10
N ASN B 227 19.15 26.00 -17.40
CA ASN B 227 19.90 27.18 -17.83
C ASN B 227 20.71 27.63 -16.63
N PHE B 228 22.01 27.35 -16.63
CA PHE B 228 22.84 27.56 -15.46
C PHE B 228 22.90 29.04 -15.06
N GLU B 229 22.93 29.92 -16.06
CA GLU B 229 22.98 31.35 -15.79
C GLU B 229 21.69 31.89 -15.18
N LYS B 230 20.57 31.28 -15.50
CA LYS B 230 19.28 31.74 -15.01
C LYS B 230 19.03 31.31 -13.56
N ILE B 231 19.69 30.24 -13.11
CA ILE B 231 19.38 29.65 -11.80
C ILE B 231 19.44 30.65 -10.63
N PRO B 232 20.50 31.48 -10.54
CA PRO B 232 20.55 32.44 -9.42
C PRO B 232 19.58 33.62 -9.58
N LYS B 233 18.94 33.73 -10.74
CA LYS B 233 18.02 34.83 -11.03
C LYS B 233 16.57 34.52 -10.68
N LEU B 234 16.27 33.24 -10.46
CA LEU B 234 14.89 32.83 -10.23
C LEU B 234 14.31 33.39 -8.94
N LYS B 235 13.00 33.58 -8.96
CA LYS B 235 12.24 33.95 -7.78
C LYS B 235 11.95 32.69 -6.94
N PRO B 236 11.71 32.87 -5.64
CA PRO B 236 11.24 31.74 -4.81
C PRO B 236 9.97 31.12 -5.40
N ALA B 237 9.86 29.79 -5.33
CA ALA B 237 8.74 29.08 -5.92
C ALA B 237 7.59 28.78 -4.95
N PHE B 238 7.86 28.79 -3.64
CA PHE B 238 6.90 28.30 -2.68
C PHE B 238 6.47 29.32 -1.62
N THR B 239 7.39 30.20 -1.21
CA THR B 239 7.03 31.23 -0.23
C THR B 239 7.70 32.55 -0.60
N SER B 240 7.09 33.67 -0.21
CA SER B 240 7.54 34.97 -0.69
C SER B 240 9.01 35.26 -0.36
N GLU B 241 9.46 34.88 0.82
CA GLU B 241 10.86 35.11 1.20
C GLU B 241 11.67 33.80 1.21
N GLY B 242 11.23 32.85 0.39
CA GLY B 242 11.83 31.53 0.34
C GLY B 242 13.18 31.43 -0.35
N SER B 243 13.81 30.28 -0.16
CA SER B 243 15.08 29.95 -0.80
C SER B 243 14.92 28.85 -1.86
N VAL B 244 13.83 28.09 -1.78
CA VAL B 244 13.56 27.01 -2.74
C VAL B 244 12.99 27.59 -4.03
N THR B 245 13.52 27.14 -5.16
CA THR B 245 13.05 27.58 -6.47
C THR B 245 12.72 26.39 -7.36
N ALA B 246 12.22 26.68 -8.55
CA ALA B 246 11.94 25.63 -9.52
C ALA B 246 13.21 24.92 -9.94
N ALA B 247 14.34 25.61 -9.96
CA ALA B 247 15.59 24.95 -10.34
C ALA B 247 16.16 24.07 -9.25
N ASN B 248 16.03 24.45 -7.97
CA ASN B 248 16.69 23.69 -6.89
C ASN B 248 15.72 22.76 -6.14
N ALA B 249 14.49 22.66 -6.67
CA ALA B 249 13.47 21.71 -6.20
C ALA B 249 13.36 20.54 -7.19
N SER B 250 12.95 19.37 -6.70
CA SER B 250 12.62 18.29 -7.62
C SER B 250 11.46 18.72 -8.50
N THR B 251 11.32 18.03 -9.62
CA THR B 251 10.30 18.32 -10.60
C THR B 251 9.20 17.26 -10.55
N LEU B 252 8.13 17.48 -11.33
CA LEU B 252 7.05 16.51 -11.51
C LEU B 252 7.38 15.61 -12.68
N ASN B 253 7.22 14.29 -12.52
CA ASN B 253 7.73 13.35 -13.52
C ASN B 253 6.99 12.02 -13.53
N ASP B 254 7.28 11.23 -14.57
CA ASP B 254 6.72 9.90 -14.81
C ASP B 254 7.82 8.86 -14.91
N GLY B 255 7.67 7.70 -14.27
CA GLY B 255 8.61 6.61 -14.44
C GLY B 255 8.35 5.43 -13.52
N ALA B 256 9.06 4.32 -13.75
CA ALA B 256 8.95 3.14 -12.90
C ALA B 256 10.29 2.46 -12.78
N ALA B 257 10.52 1.80 -11.64
CA ALA B 257 11.75 1.09 -11.36
C ALA B 257 11.40 -0.18 -10.61
N MET B 258 12.03 -1.29 -10.97
CA MET B 258 11.76 -2.58 -10.36
C MET B 258 13.02 -3.36 -10.05
N VAL B 259 12.94 -4.24 -9.05
CA VAL B 259 14.00 -5.18 -8.72
C VAL B 259 13.41 -6.59 -8.61
N VAL B 260 14.30 -7.57 -8.78
CA VAL B 260 14.01 -8.98 -8.60
C VAL B 260 14.86 -9.48 -7.44
N MET B 261 14.24 -10.14 -6.46
CA MET B 261 14.91 -10.55 -5.25
C MET B 261 14.61 -12.00 -4.94
N THR B 262 15.60 -12.66 -4.35
CA THR B 262 15.44 -14.07 -3.96
C THR B 262 16.36 -14.33 -2.78
N THR B 263 16.45 -15.59 -2.38
CA THR B 263 17.36 -15.98 -1.30
C THR B 263 18.62 -16.53 -1.96
N VAL B 264 19.68 -16.70 -1.17
CA VAL B 264 20.88 -17.37 -1.67
C VAL B 264 20.54 -18.76 -2.23
N ASP B 265 19.65 -19.48 -1.56
CA ASP B 265 19.19 -20.79 -2.05
C ASP B 265 18.42 -20.71 -3.36
N GLY B 266 17.53 -19.72 -3.48
CA GLY B 266 16.80 -19.52 -4.70
C GLY B 266 17.70 -19.23 -5.89
N ALA B 267 18.72 -18.41 -5.65
CA ALA B 267 19.66 -18.06 -6.71
C ALA B 267 20.45 -19.28 -7.17
N LYS B 268 20.92 -20.06 -6.21
CA LYS B 268 21.63 -21.31 -6.53
C LYS B 268 20.73 -22.24 -7.34
N LYS B 269 19.48 -22.41 -6.90
CA LYS B 269 18.54 -23.31 -7.55
C LYS B 269 18.30 -23.00 -9.03
N HIS B 270 18.28 -21.71 -9.39
CA HIS B 270 17.99 -21.32 -10.77
C HIS B 270 19.23 -20.85 -11.52
N GLY B 271 20.40 -21.01 -10.89
CA GLY B 271 21.65 -20.66 -11.53
C GLY B 271 21.75 -19.18 -11.82
N LEU B 272 21.30 -18.36 -10.86
CA LEU B 272 21.33 -16.91 -11.02
C LEU B 272 22.55 -16.31 -10.33
N LYS B 273 23.02 -15.18 -10.85
CA LYS B 273 24.11 -14.43 -10.24
C LYS B 273 23.61 -13.36 -9.28
N PRO B 274 23.87 -13.51 -7.97
CA PRO B 274 23.52 -12.42 -7.03
C PRO B 274 24.29 -11.14 -7.35
N LEU B 275 23.57 -10.04 -7.53
CA LEU B 275 24.17 -8.73 -7.80
C LEU B 275 24.52 -8.00 -6.51
N ALA B 276 23.69 -8.15 -5.49
CA ALA B 276 23.90 -7.49 -4.21
C ALA B 276 23.14 -8.21 -3.13
N ARG B 277 23.49 -7.95 -1.88
CA ARG B 277 22.72 -8.48 -0.78
C ARG B 277 22.30 -7.39 0.19
N MET B 278 21.17 -7.63 0.84
CA MET B 278 20.64 -6.74 1.85
C MET B 278 21.45 -6.77 3.13
N LEU B 279 21.78 -5.59 3.67
CA LEU B 279 22.40 -5.51 5.00
C LEU B 279 21.47 -4.95 6.07
N ALA B 280 20.58 -4.02 5.69
CA ALA B 280 19.67 -3.40 6.66
C ALA B 280 18.62 -2.57 5.93
N TYR B 281 17.46 -2.45 6.55
CA TYR B 281 16.44 -1.51 6.09
C TYR B 281 15.61 -1.07 7.28
N GLY B 282 14.99 0.09 7.16
CA GLY B 282 14.14 0.59 8.22
C GLY B 282 13.59 1.95 7.87
N ASP B 283 12.98 2.60 8.85
CA ASP B 283 12.31 3.89 8.65
C ASP B 283 12.42 4.74 9.92
N ALA B 284 12.36 6.05 9.75
CA ALA B 284 12.23 6.97 10.88
C ALA B 284 11.25 8.07 10.49
N ALA B 285 10.71 8.80 11.47
CA ALA B 285 9.77 9.85 11.18
C ALA B 285 9.82 10.94 12.23
N THR B 286 9.39 12.12 11.83
CA THR B 286 9.34 13.28 12.69
C THR B 286 8.15 14.14 12.30
N HIS B 287 8.09 15.38 12.80
CA HIS B 287 6.99 16.28 12.48
C HIS B 287 6.84 16.43 10.97
N PRO B 288 5.60 16.41 10.45
CA PRO B 288 5.35 16.52 9.01
C PRO B 288 6.13 17.63 8.31
N ILE B 289 6.17 18.83 8.87
CA ILE B 289 6.86 19.95 8.18
C ILE B 289 8.38 19.71 8.08
N ASP B 290 8.90 18.83 8.94
CA ASP B 290 10.33 18.56 9.06
C ASP B 290 10.76 17.27 8.36
N PHE B 291 10.02 16.84 7.34
CA PHE B 291 10.45 15.62 6.61
C PHE B 291 11.90 15.71 6.12
N GLY B 292 12.36 16.93 5.85
CA GLY B 292 13.69 17.13 5.33
C GLY B 292 14.81 16.70 6.26
N ILE B 293 14.56 16.63 7.57
CA ILE B 293 15.57 16.14 8.50
C ILE B 293 15.43 14.65 8.81
N ALA B 294 14.40 13.99 8.28
CA ALA B 294 14.20 12.60 8.64
C ALA B 294 15.28 11.65 8.08
N PRO B 295 15.84 11.92 6.88
CA PRO B 295 16.94 11.05 6.43
C PRO B 295 18.12 11.00 7.41
N ALA B 296 18.39 12.12 8.08
CA ALA B 296 19.50 12.19 9.03
C ALA B 296 19.25 11.34 10.26
N SER B 297 17.99 11.04 10.56
CA SER B 297 17.65 10.07 11.63
C SER B 297 17.61 8.61 11.15
N VAL B 298 17.11 8.35 9.95
CA VAL B 298 17.03 6.95 9.52
C VAL B 298 18.42 6.38 9.21
N ILE B 299 19.35 7.22 8.78
CA ILE B 299 20.67 6.73 8.40
C ILE B 299 21.42 6.09 9.61
N PRO B 300 21.52 6.79 10.76
CA PRO B 300 22.13 6.14 11.92
C PRO B 300 21.38 4.88 12.33
N LYS B 301 20.06 4.87 12.17
CA LYS B 301 19.28 3.70 12.53
C LYS B 301 19.66 2.48 11.69
N VAL B 302 19.75 2.62 10.37
CA VAL B 302 20.07 1.46 9.56
C VAL B 302 21.58 1.11 9.63
N LEU B 303 22.45 2.09 9.84
CA LEU B 303 23.86 1.79 10.10
C LEU B 303 24.01 0.87 11.32
N LYS B 304 23.28 1.19 12.37
CA LYS B 304 23.33 0.38 13.59
C LYS B 304 22.82 -1.04 13.30
N LEU B 305 21.73 -1.16 12.54
CA LEU B 305 21.20 -2.47 12.19
C LEU B 305 22.18 -3.31 11.40
N ALA B 306 23.00 -2.67 10.57
CA ALA B 306 23.98 -3.33 9.73
C ALA B 306 25.33 -3.52 10.44
N GLY B 307 25.48 -2.95 11.63
CA GLY B 307 26.74 -2.98 12.35
C GLY B 307 27.82 -2.20 11.64
N LEU B 308 27.43 -1.09 11.03
CA LEU B 308 28.35 -0.26 10.26
C LEU B 308 28.40 1.18 10.77
N GLN B 309 29.44 1.87 10.33
CA GLN B 309 29.59 3.29 10.59
C GLN B 309 29.58 4.08 9.27
N ILE B 310 29.42 5.39 9.37
CA ILE B 310 29.39 6.26 8.21
C ILE B 310 30.56 6.02 7.27
N LYS B 311 31.76 5.81 7.81
CA LYS B 311 32.94 5.59 6.98
C LYS B 311 32.89 4.32 6.13
N ASP B 312 32.01 3.38 6.50
CA ASP B 312 31.91 2.11 5.81
C ASP B 312 31.05 2.17 4.55
N ILE B 313 30.39 3.30 4.31
CA ILE B 313 29.54 3.46 3.14
C ILE B 313 30.31 4.11 2.01
N ASP B 314 30.35 3.42 0.88
CA ASP B 314 31.08 3.91 -0.28
C ASP B 314 30.27 4.90 -1.12
N LEU B 315 28.97 4.67 -1.23
CA LEU B 315 28.08 5.59 -1.96
C LEU B 315 26.79 5.82 -1.19
N TRP B 316 26.36 7.07 -1.19
CA TRP B 316 25.09 7.51 -0.61
C TRP B 316 24.14 7.94 -1.72
N GLU B 317 22.89 7.49 -1.62
CA GLU B 317 21.81 8.01 -2.43
C GLU B 317 20.80 8.63 -1.47
N ILE B 318 20.86 9.95 -1.33
CA ILE B 318 19.96 10.68 -0.45
C ILE B 318 19.01 11.45 -1.37
N ASN B 319 17.76 10.99 -1.45
CA ASN B 319 16.90 11.49 -2.51
C ASN B 319 16.79 13.01 -2.47
N GLU B 320 16.98 13.60 -3.66
CA GLU B 320 17.00 15.05 -3.82
C GLU B 320 15.60 15.64 -3.95
N ALA B 321 14.78 15.47 -2.91
CA ALA B 321 13.43 16.03 -2.93
C ALA B 321 13.50 17.52 -3.23
N PHE B 322 14.46 18.15 -2.55
CA PHE B 322 14.90 19.54 -2.74
C PHE B 322 16.39 19.53 -2.46
N ALA B 323 17.15 20.47 -3.01
CA ALA B 323 18.56 20.60 -2.67
C ALA B 323 18.75 20.68 -1.15
N VAL B 324 17.77 21.30 -0.48
CA VAL B 324 17.77 21.38 1.00
C VAL B 324 18.10 20.05 1.67
N VAL B 325 17.52 18.95 1.19
CA VAL B 325 17.57 17.71 1.94
C VAL B 325 18.95 17.05 1.91
N PRO B 326 19.59 16.86 0.73
CA PRO B 326 20.96 16.35 0.83
C PRO B 326 21.89 17.30 1.58
N LEU B 327 21.69 18.61 1.41
CA LEU B 327 22.55 19.57 2.11
C LEU B 327 22.43 19.42 3.62
N TYR B 328 21.21 19.39 4.16
CA TYR B 328 21.03 19.19 5.59
C TYR B 328 21.67 17.88 6.05
N THR B 329 21.43 16.82 5.29
CA THR B 329 21.85 15.48 5.69
C THR B 329 23.36 15.39 5.72
N MET B 330 24.00 15.90 4.66
CA MET B 330 25.46 15.81 4.58
C MET B 330 26.11 16.59 5.70
N LYS B 331 25.65 17.81 5.94
CA LYS B 331 26.36 18.62 6.94
C LYS B 331 26.09 18.11 8.34
N THR B 332 24.88 17.67 8.63
CA THR B 332 24.53 17.23 9.97
C THR B 332 25.27 15.94 10.35
N LEU B 333 25.49 15.07 9.37
CA LEU B 333 26.13 13.77 9.62
C LEU B 333 27.62 13.74 9.27
N GLY B 334 28.13 14.80 8.65
CA GLY B 334 29.53 14.83 8.27
C GLY B 334 29.87 13.96 7.08
N LEU B 335 28.96 13.90 6.11
CA LEU B 335 29.23 13.12 4.91
C LEU B 335 30.08 13.86 3.89
N ASP B 336 30.84 13.07 3.15
CA ASP B 336 31.67 13.54 2.05
C ASP B 336 30.82 13.69 0.79
N GLU B 337 30.61 14.93 0.30
CA GLU B 337 29.75 15.17 -0.86
C GLU B 337 30.24 14.44 -2.13
N SER B 338 31.53 14.10 -2.20
CA SER B 338 32.01 13.36 -3.36
C SER B 338 31.52 11.92 -3.40
N LYS B 339 30.87 11.46 -2.32
CA LYS B 339 30.34 10.10 -2.24
C LYS B 339 28.80 10.11 -2.22
N VAL B 340 28.20 11.28 -2.46
CA VAL B 340 26.75 11.47 -2.29
C VAL B 340 26.10 11.84 -3.64
N ASN B 341 25.11 11.05 -4.06
CA ASN B 341 24.34 11.31 -5.27
C ASN B 341 25.25 11.59 -6.48
N ILE B 342 26.21 10.71 -6.70
CA ILE B 342 27.33 11.06 -7.55
C ILE B 342 26.97 11.07 -9.04
N HIS B 343 25.83 10.47 -9.39
CA HIS B 343 25.33 10.46 -10.76
C HIS B 343 24.03 11.25 -10.91
N GLY B 344 23.89 12.29 -10.09
CA GLY B 344 22.71 13.13 -10.13
C GLY B 344 21.61 12.58 -9.23
N GLY B 345 20.45 13.19 -9.32
CA GLY B 345 19.33 12.80 -8.46
C GLY B 345 18.11 13.57 -8.85
N ALA B 346 17.09 13.52 -7.99
CA ALA B 346 15.74 13.96 -8.33
C ALA B 346 15.59 15.44 -8.74
N VAL B 347 16.54 16.30 -8.38
CA VAL B 347 16.48 17.71 -8.78
C VAL B 347 16.71 17.84 -10.28
N SER B 348 17.53 16.98 -10.86
CA SER B 348 17.88 17.04 -12.28
C SER B 348 17.34 15.87 -13.12
N LEU B 349 17.21 14.68 -12.51
CA LEU B 349 16.61 13.52 -13.19
C LEU B 349 15.08 13.50 -13.04
N GLY B 350 14.54 14.27 -12.09
CA GLY B 350 13.11 14.26 -11.83
C GLY B 350 12.69 13.26 -10.76
N HIS B 351 11.41 13.29 -10.42
CA HIS B 351 10.92 12.67 -9.21
C HIS B 351 9.48 12.18 -9.33
N PRO B 352 9.28 11.07 -10.06
CA PRO B 352 7.98 10.39 -9.99
C PRO B 352 7.86 9.78 -8.61
N ILE B 353 6.98 10.31 -7.77
CA ILE B 353 7.16 10.12 -6.34
C ILE B 353 7.12 8.63 -5.95
N GLY B 354 6.23 7.81 -6.49
CA GLY B 354 6.22 6.40 -6.17
C GLY B 354 7.43 5.60 -6.67
N MET B 355 8.13 6.14 -7.67
CA MET B 355 9.28 5.47 -8.28
C MET B 355 10.59 5.66 -7.53
N SER B 356 10.83 6.86 -7.05
CA SER B 356 12.20 7.24 -6.73
C SER B 356 12.88 6.37 -5.70
N GLY B 357 12.14 5.90 -4.69
CA GLY B 357 12.73 5.03 -3.69
C GLY B 357 13.28 3.73 -4.24
N ALA B 358 12.60 3.18 -5.24
CA ALA B 358 13.09 2.00 -5.94
C ALA B 358 14.22 2.35 -6.89
N ARG B 359 14.16 3.50 -7.55
CA ARG B 359 15.22 3.86 -8.48
C ARG B 359 16.58 3.94 -7.78
N ILE B 360 16.63 4.61 -6.64
CA ILE B 360 17.92 4.85 -6.02
C ILE B 360 18.52 3.57 -5.47
N VAL B 361 17.70 2.63 -5.03
CA VAL B 361 18.21 1.32 -4.63
C VAL B 361 18.72 0.55 -5.85
N GLY B 362 17.94 0.52 -6.94
CA GLY B 362 18.37 -0.19 -8.15
C GLY B 362 19.65 0.40 -8.70
N HIS B 363 19.81 1.71 -8.55
CA HIS B 363 21.00 2.37 -9.07
C HIS B 363 22.22 1.88 -8.31
N LEU B 364 22.09 1.75 -6.99
CA LEU B 364 23.20 1.24 -6.17
C LEU B 364 23.52 -0.20 -6.54
N VAL B 365 22.49 -1.01 -6.78
CA VAL B 365 22.68 -2.40 -7.17
C VAL B 365 23.59 -2.52 -8.40
N HIS B 366 23.40 -1.61 -9.36
CA HIS B 366 24.15 -1.65 -10.60
C HIS B 366 25.49 -0.94 -10.51
N THR B 367 25.58 0.16 -9.77
CA THR B 367 26.73 1.06 -9.94
C THR B 367 27.81 0.85 -8.87
N LEU B 368 27.49 0.25 -7.72
CA LEU B 368 28.53 -0.09 -6.75
C LEU B 368 29.52 -1.07 -7.37
N LYS B 369 30.80 -0.95 -7.00
CA LYS B 369 31.75 -1.99 -7.34
C LYS B 369 31.55 -3.16 -6.38
N PRO B 370 31.81 -4.40 -6.85
CA PRO B 370 31.71 -5.54 -5.94
C PRO B 370 32.52 -5.32 -4.67
N GLY B 371 31.90 -5.62 -3.54
CA GLY B 371 32.47 -5.38 -2.23
C GLY B 371 32.05 -4.09 -1.54
N GLN B 372 31.67 -3.09 -2.35
CA GLN B 372 31.29 -1.78 -1.81
C GLN B 372 29.90 -1.84 -1.19
N LYS B 373 29.66 -0.89 -0.28
CA LYS B 373 28.40 -0.78 0.45
C LYS B 373 27.73 0.53 0.10
N GLY B 374 26.41 0.47 -0.10
CA GLY B 374 25.66 1.67 -0.45
C GLY B 374 24.51 1.87 0.49
N CYS B 375 24.22 3.13 0.78
CA CYS B 375 23.09 3.48 1.63
C CYS B 375 22.20 4.47 0.90
N ALA B 376 20.92 4.12 0.83
CA ALA B 376 19.86 4.96 0.25
C ALA B 376 18.93 5.47 1.34
N ALA B 377 18.56 6.73 1.29
CA ALA B 377 17.67 7.31 2.27
C ALA B 377 16.73 8.28 1.54
N ILE B 378 15.43 8.14 1.77
CA ILE B 378 14.46 8.92 1.01
C ILE B 378 13.37 9.44 1.93
N CYS B 379 13.28 10.76 2.02
CA CYS B 379 12.26 11.39 2.83
C CYS B 379 10.88 11.31 2.18
N ASN B 380 9.84 11.47 2.99
CA ASN B 380 8.49 11.31 2.47
C ASN B 380 7.49 12.23 3.19
N GLY B 381 6.47 12.64 2.45
CA GLY B 381 5.38 13.44 2.99
C GLY B 381 4.83 12.85 4.25
N GLY B 382 4.49 13.73 5.19
CA GLY B 382 4.02 13.32 6.49
C GLY B 382 5.12 13.23 7.54
N GLY B 383 6.38 13.40 7.13
CA GLY B 383 7.48 13.47 8.07
C GLY B 383 8.44 12.32 8.12
N GLY B 384 8.31 11.37 7.20
CA GLY B 384 9.08 10.14 7.26
C GLY B 384 10.34 10.11 6.40
N ALA B 385 11.12 9.06 6.61
CA ALA B 385 12.16 8.67 5.66
C ALA B 385 12.39 7.18 5.72
N GLY B 386 12.55 6.56 4.55
CA GLY B 386 13.02 5.19 4.47
C GLY B 386 14.53 5.14 4.32
N GLY B 387 15.13 4.08 4.83
CA GLY B 387 16.55 3.83 4.68
C GLY B 387 16.82 2.39 4.32
N MET B 388 17.92 2.17 3.60
CA MET B 388 18.31 0.85 3.17
C MET B 388 19.80 0.81 2.86
N ILE B 389 20.44 -0.28 3.29
CA ILE B 389 21.85 -0.53 3.03
C ILE B 389 22.04 -1.87 2.33
N ILE B 390 22.84 -1.87 1.27
CA ILE B 390 23.12 -3.09 0.50
C ILE B 390 24.63 -3.22 0.30
N GLU B 391 25.05 -4.44 0.00
CA GLU B 391 26.45 -4.75 -0.34
C GLU B 391 26.48 -5.33 -1.73
N LYS B 392 27.30 -4.75 -2.61
CA LYS B 392 27.44 -5.23 -3.96
C LYS B 392 28.24 -6.54 -3.96
N LEU B 393 27.82 -7.48 -4.80
CA LEU B 393 28.47 -8.79 -4.91
C LEU B 393 29.07 -9.01 -6.30
#